data_7ELE
#
_entry.id   7ELE
#
_cell.length_a   1.00
_cell.length_b   1.00
_cell.length_c   1.00
_cell.angle_alpha   90.00
_cell.angle_beta   90.00
_cell.angle_gamma   90.00
#
_symmetry.space_group_name_H-M   'P 1'
#
loop_
_entity.id
_entity.type
_entity.pdbx_description
1 polymer 'Endoribonuclease Dicer homolog 1'
2 polymer 'pre-miRNA 166f'
#
loop_
_entity_poly.entity_id
_entity_poly.type
_entity_poly.pdbx_seq_one_letter_code
_entity_poly.pdbx_strand_id
1 'polypeptide(L)'
;MVMEDEPREATIKPSYWLDACEDISCDLIDDLVSEFDPSSVAVNESTDENGVINDFFGGIDHILDSIKNGGGLPNNGVSD
TNSQINEVTVTPQVIAKETVKENGLQKNGGKRDEFSKEEGDKDRKRARVCSYQSERSNLSGRGHVNNSREGDRFMNRKRT
RNWDEAGNNKKKRECNNYRRDGRDREVRGYWERDKVGSNELVYRSGTWEADHERDVKKVSGGNRECDVKAEENKSKPEER
KEKVVEEQARRYQLDVLEQAKAKNTIAFLETGAGKTLIAILLIKSVHKDLMSQNRKMLSVFLVPKVPLVYQQAEVIRNQT
CFQVGHYCGEMGQDFWDSRRWQREFESKQVLVMTAQILLNILRHSIIRMETIDLLILDECHHAVKKHPYSLVMSEFYHTT
PKDKRPAIFGMTASPVNLKGVSSQVDCAIKIRNLETKLDSTVCTIKDRKELEKHVPMPSEIVVEYDKAATMWSLHETIKQ
MIAAVEEAAQASSRKSKWQFMGARDAGAKDELRQVYGVSERTESDGAANLIHKLRAINYTLAELGQWCAYKVGQSFLSAL
QSDERVNFQVDVKFQESYLSEVVSLLQCELLEGAAAEKVAAEVGKPENGNAHDEMEEGELPDDPVVSGGEHVDEVIGAAV
ADGKVTPKVQSLIKLLLKYQHTADFRAIVFVERVVAALVLPKVFAELPSLSFIRCASMIGHNNSQEMKSSQMQDTISKFR
DGHVTLLVATSVAEEGLDIRQCNVVMRFDLAKTVLAYIQSRGRARKPGSDYILMVERGNVSHAAFLRNARNSEETLRKEA
IERTDLSHLKDTSRLISIDAVPGTVYKVEATGAMVSLNSAVGLVHFYCSQLPGDRYAILRPEFSMEKHEKPGGHTEYSCR
LQLPCNAPFEILEGPVCSSMRLAQQAVCLAACKKLHEMGAFTDMLLPDKGSGQDAEKADQDDEGEPVPGTARHREFYPEG
VADVLKGEWVSSGKEVCESSKLFHLYMYNVRCVDFGSSKDPFLSEVSEFAILFGNELDAEVLSMSMDLYVARAMITKASL
AFKGSLDITENQLSSLKKFHVRLMSIVLDVDVEPSTTPWDPAKAYLFVPVTDNTSMEPIKGINWELVEKITKTTAWDNPL
QRARPDVYLGTNERTLGGDRREYGFGKLRHNIVFGQKSHPTYGIRGAVASFDVVRASGLLPVRDAFEKEVEEDLSKGKLM
MADGCMVAEDLIGKIVTAAHSGKRFYVDSICYDMSAETSFPRKEGYLGPLEYNTYADYYKQKYGVDLNCKQQPLIKGRGV
SYCKNLLSPRFEQSGESETVLDKTYYVFLPPELCVVHPLSGSLIRGAQRLPSIMRRVESMLLAVQLKNLISYPIPTSKIL
EALTAASCQETFCYERAELLGDAYLKWVVSRFLFLKYPQKHEGQLTRMRQQMVSNMVLYQFALVKGLQSYIQADRFAPSR
WSAPGVPPVFDEDTKDGGSSFFDEEQKPVSEENSDVFEDGEMEDGELEGDLSSYRVLSSKTLADVVEALIGVYYVEGGKI
AANHLMKWIGIHVEDDPDEVDGTLKNVNVPESVLKSIDFVGLERALKYEFKEKGLLVEAITHASRPSSGVSCYQRLEFVG
DAVLDHLITRHLFFTYTSLPPGRLTDLRAAAVNNENFARVAVKHKLHLYLRHGSSALEKQIREFVKEVQTESSKPGFNSF
GLGDCKAPKVLGDIVESIAGAIFLDSGKDTTAAWKVFQPLLQPMVTPETLPMHPVRELQERCQQQAEGLEYKASRSGNTA
TVEVFIDGVQVGVAQNPQKKMAQKLAARNALAALKEKEIAESKEKHINNGNAGEDQGENENGNKKNGHQPFTRQTLNDIC
LRKNWPMPSYRCVKEGGPAHAKRFTFGVRVNTSDRGWTDECIGEPMPSVKKAKDSAAVLLLELLNKTFS
;
A
2 'polyribonucleotide'
;UGAAUGAUGCCUGGCUCGAGACCAUUCAAUCUCAUGAUCUCAUGAUUAUAACGAUGAUGAUGAUGAUGUCGGACCAGGCU
UCAUUCCCC
;
G
#
loop_
_chem_comp.id
_chem_comp.type
_chem_comp.name
_chem_comp.formula
A RNA linking ADENOSINE-5'-MONOPHOSPHATE 'C10 H14 N5 O7 P'
C RNA linking CYTIDINE-5'-MONOPHOSPHATE 'C9 H14 N3 O8 P'
G RNA linking GUANOSINE-5'-MONOPHOSPHATE 'C10 H14 N5 O8 P'
U RNA linking URIDINE-5'-MONOPHOSPHATE 'C9 H13 N2 O9 P'
#
# COMPACT_ATOMS: atom_id res chain seq x y z
N ARG A 250 -42.06 25.73 -19.37
CA ARG A 250 -43.01 26.83 -19.55
C ARG A 250 -42.48 28.12 -18.90
N ARG A 251 -43.41 29.04 -18.62
CA ARG A 251 -43.06 30.40 -18.26
C ARG A 251 -42.43 30.49 -16.87
N TYR A 252 -42.92 29.68 -15.93
CA TYR A 252 -42.49 29.85 -14.54
C TYR A 252 -41.03 29.45 -14.37
N GLN A 253 -40.55 28.54 -15.23
CA GLN A 253 -39.13 28.28 -15.34
C GLN A 253 -38.35 29.54 -15.66
N LEU A 254 -38.87 30.36 -16.56
CA LEU A 254 -38.20 31.60 -16.90
C LEU A 254 -38.31 32.60 -15.75
N ASP A 255 -39.45 32.59 -15.04
CA ASP A 255 -39.62 33.49 -13.89
C ASP A 255 -38.63 33.16 -12.78
N VAL A 256 -38.47 31.88 -12.48
CA VAL A 256 -37.55 31.51 -11.41
C VAL A 256 -36.11 31.61 -11.91
N LEU A 257 -35.92 31.55 -13.24
CA LEU A 257 -34.61 31.89 -13.81
C LEU A 257 -34.25 33.32 -13.47
N GLU A 258 -35.20 34.25 -13.69
CA GLU A 258 -35.00 35.63 -13.29
C GLU A 258 -34.73 35.75 -11.80
N GLN A 259 -35.54 35.08 -10.98
CA GLN A 259 -35.43 35.25 -9.53
C GLN A 259 -34.16 34.61 -8.98
N ALA A 260 -33.66 33.56 -9.64
CA ALA A 260 -32.53 32.82 -9.12
C ALA A 260 -31.22 33.40 -9.61
N LYS A 261 -31.13 33.67 -10.92
CA LYS A 261 -29.99 34.41 -11.46
C LYS A 261 -29.94 35.82 -10.87
N ALA A 262 -31.08 36.32 -10.40
CA ALA A 262 -31.09 37.56 -9.64
C ALA A 262 -30.41 37.40 -8.28
N LYS A 263 -30.86 36.42 -7.49
CA LYS A 263 -30.49 36.41 -6.08
C LYS A 263 -30.61 34.99 -5.56
N ASN A 264 -30.05 34.76 -4.36
CA ASN A 264 -30.16 33.46 -3.70
C ASN A 264 -31.61 33.07 -3.53
N THR A 265 -31.90 31.81 -3.80
CA THR A 265 -33.25 31.40 -4.12
C THR A 265 -33.60 30.08 -3.45
N ILE A 266 -34.74 30.09 -2.80
CA ILE A 266 -35.37 28.89 -2.27
C ILE A 266 -36.69 28.70 -2.99
N ALA A 267 -36.80 27.60 -3.73
CA ALA A 267 -38.02 27.25 -4.44
C ALA A 267 -38.69 26.09 -3.74
N PHE A 268 -40.01 26.05 -3.80
CA PHE A 268 -40.78 25.17 -2.92
C PHE A 268 -41.82 24.42 -3.73
N LEU A 269 -41.52 24.18 -5.00
CA LEU A 269 -42.46 23.62 -5.95
C LEU A 269 -42.20 22.14 -6.15
N GLU A 270 -43.26 21.33 -5.99
CA GLU A 270 -43.14 19.89 -6.14
C GLU A 270 -42.82 19.52 -7.58
N THR A 271 -41.65 18.86 -7.74
CA THR A 271 -40.99 18.41 -8.97
C THR A 271 -40.42 19.58 -9.77
N GLY A 272 -40.82 20.80 -9.44
CA GLY A 272 -40.38 22.02 -10.12
C GLY A 272 -40.43 22.02 -11.63
N ALA A 273 -41.19 21.10 -12.23
CA ALA A 273 -41.07 20.73 -13.64
C ALA A 273 -39.61 20.49 -14.02
N GLY A 274 -38.94 19.65 -13.23
CA GLY A 274 -37.51 19.49 -13.41
C GLY A 274 -36.74 20.72 -12.94
N LYS A 275 -36.71 20.94 -11.62
CA LYS A 275 -35.93 22.03 -11.04
C LYS A 275 -34.47 21.89 -11.41
N THR A 276 -33.96 20.67 -11.42
CA THR A 276 -32.57 20.44 -11.75
C THR A 276 -32.28 20.76 -13.21
N LEU A 277 -33.27 20.59 -14.08
CA LEU A 277 -33.13 21.03 -15.47
C LEU A 277 -32.84 22.51 -15.57
N ILE A 278 -33.60 23.31 -14.81
CA ILE A 278 -33.44 24.76 -14.90
C ILE A 278 -32.16 25.17 -14.18
N ALA A 279 -31.77 24.42 -13.16
CA ALA A 279 -30.46 24.61 -12.54
C ALA A 279 -29.34 24.40 -13.55
N ILE A 280 -29.44 23.34 -14.35
CA ILE A 280 -28.47 23.07 -15.41
C ILE A 280 -28.44 24.20 -16.41
N LEU A 281 -29.61 24.71 -16.78
CA LEU A 281 -29.68 25.80 -17.75
C LEU A 281 -29.02 27.06 -17.23
N LEU A 282 -29.26 27.40 -15.96
CA LEU A 282 -28.63 28.59 -15.38
C LEU A 282 -27.13 28.41 -15.25
N ILE A 283 -26.69 27.19 -14.90
CA ILE A 283 -25.27 26.95 -14.77
C ILE A 283 -24.58 27.01 -16.14
N LYS A 284 -25.27 26.54 -17.19
CA LYS A 284 -24.72 26.66 -18.53
C LYS A 284 -24.69 28.12 -18.97
N SER A 285 -25.66 28.92 -18.52
CA SER A 285 -25.64 30.34 -18.81
C SER A 285 -24.44 31.02 -18.16
N VAL A 286 -24.19 30.73 -16.89
CA VAL A 286 -23.08 31.38 -16.21
C VAL A 286 -21.75 30.75 -16.62
N HIS A 287 -21.80 29.58 -17.27
CA HIS A 287 -20.59 28.97 -17.82
C HIS A 287 -20.21 29.62 -19.14
N LYS A 288 -21.18 29.71 -20.06
CA LYS A 288 -20.96 30.39 -21.34
C LYS A 288 -20.55 31.83 -21.12
N ASP A 289 -21.10 32.47 -20.09
CA ASP A 289 -20.50 33.68 -19.56
C ASP A 289 -19.11 33.40 -19.04
N LEU A 290 -18.12 34.07 -19.60
CA LEU A 290 -16.80 34.05 -18.99
C LEU A 290 -16.85 34.87 -17.71
N MET A 291 -16.89 34.18 -16.59
CA MET A 291 -16.96 34.80 -15.27
C MET A 291 -15.69 35.59 -14.99
N SER A 292 -15.71 36.34 -13.88
CA SER A 292 -14.54 37.07 -13.45
C SER A 292 -13.37 36.12 -13.18
N GLN A 293 -13.60 35.11 -12.34
CA GLN A 293 -12.76 33.93 -12.31
C GLN A 293 -13.50 32.82 -13.04
N ASN A 294 -12.85 32.27 -14.08
CA ASN A 294 -13.55 31.36 -14.99
C ASN A 294 -13.82 30.02 -14.31
N ARG A 295 -13.09 29.72 -13.23
CA ARG A 295 -13.26 28.50 -12.46
C ARG A 295 -14.00 28.72 -11.15
N LYS A 296 -14.42 29.95 -10.85
CA LYS A 296 -15.11 30.22 -9.60
C LYS A 296 -16.52 29.66 -9.61
N MET A 297 -17.01 29.30 -10.80
CA MET A 297 -18.38 28.85 -11.00
C MET A 297 -18.68 27.62 -10.15
N LEU A 298 -17.98 26.51 -10.44
CA LEU A 298 -17.77 25.36 -9.56
C LEU A 298 -18.98 24.98 -8.71
N SER A 299 -20.14 25.00 -9.36
CA SER A 299 -21.39 24.72 -8.66
C SER A 299 -21.64 23.21 -8.66
N VAL A 300 -21.88 22.67 -7.48
CA VAL A 300 -22.19 21.25 -7.32
C VAL A 300 -23.60 21.14 -6.77
N PHE A 301 -24.39 20.25 -7.36
CA PHE A 301 -25.60 19.80 -6.66
C PHE A 301 -25.18 18.69 -5.71
N LEU A 302 -25.26 18.99 -4.43
CA LEU A 302 -24.83 18.08 -3.38
C LEU A 302 -26.02 17.22 -2.98
N VAL A 303 -25.86 15.91 -3.05
CA VAL A 303 -26.83 15.01 -2.43
C VAL A 303 -26.01 14.01 -1.62
N PRO A 304 -26.63 13.29 -0.68
CA PRO A 304 -26.00 12.11 -0.09
C PRO A 304 -26.42 10.80 -0.72
N LYS A 305 -27.28 10.82 -1.72
CA LYS A 305 -27.93 9.61 -2.21
C LYS A 305 -27.19 9.10 -3.44
N VAL A 306 -26.53 7.95 -3.31
CA VAL A 306 -25.61 7.50 -4.36
C VAL A 306 -26.29 6.86 -5.56
N PRO A 307 -27.43 6.14 -5.46
CA PRO A 307 -28.07 5.77 -6.73
C PRO A 307 -28.62 6.99 -7.42
N LEU A 308 -29.00 8.00 -6.63
CA LEU A 308 -29.31 9.30 -7.20
C LEU A 308 -28.08 9.88 -7.88
N VAL A 309 -26.89 9.66 -7.33
CA VAL A 309 -25.67 10.10 -8.03
C VAL A 309 -25.53 9.39 -9.36
N TYR A 310 -25.97 8.14 -9.45
CA TYR A 310 -25.95 7.49 -10.75
C TYR A 310 -26.99 8.08 -11.69
N GLN A 311 -28.13 8.51 -11.13
CA GLN A 311 -29.06 9.31 -11.94
C GLN A 311 -28.40 10.60 -12.40
N GLN A 312 -27.50 11.15 -11.60
CA GLN A 312 -26.85 12.38 -12.01
C GLN A 312 -25.74 12.09 -13.00
N ALA A 313 -25.19 10.88 -12.97
CA ALA A 313 -24.32 10.46 -14.05
C ALA A 313 -25.08 10.51 -15.36
N GLU A 314 -26.26 9.89 -15.36
CA GLU A 314 -27.18 9.98 -16.49
C GLU A 314 -27.49 11.42 -16.86
N VAL A 315 -27.75 12.26 -15.87
CA VAL A 315 -28.20 13.62 -16.13
C VAL A 315 -27.06 14.49 -16.64
N ILE A 316 -25.90 14.39 -16.02
CA ILE A 316 -24.84 15.34 -16.28
C ILE A 316 -24.05 14.91 -17.50
N ARG A 317 -24.21 13.66 -17.92
CA ARG A 317 -23.72 13.29 -19.23
C ARG A 317 -24.82 13.49 -20.27
N ASN A 318 -26.08 13.45 -19.82
CA ASN A 318 -27.19 13.78 -20.70
C ASN A 318 -27.14 15.24 -21.12
N GLN A 319 -26.56 16.09 -20.28
CA GLN A 319 -26.42 17.50 -20.56
C GLN A 319 -24.95 17.90 -20.45
N THR A 320 -24.68 19.21 -20.47
CA THR A 320 -23.36 19.77 -20.17
C THR A 320 -22.29 19.22 -21.11
N CYS A 321 -22.40 19.68 -22.36
CA CYS A 321 -21.25 19.67 -23.26
C CYS A 321 -20.00 20.19 -22.58
N PHE A 322 -20.15 21.25 -21.79
CA PHE A 322 -19.10 21.69 -20.89
C PHE A 322 -18.79 20.59 -19.89
N GLN A 323 -17.49 20.34 -19.70
CA GLN A 323 -17.00 19.10 -19.11
C GLN A 323 -17.43 18.97 -17.65
N VAL A 324 -17.69 17.73 -17.25
CA VAL A 324 -18.28 17.40 -15.95
C VAL A 324 -17.69 16.08 -15.47
N GLY A 325 -17.75 15.88 -14.16
CA GLY A 325 -17.19 14.69 -13.55
C GLY A 325 -18.14 14.10 -12.52
N HIS A 326 -17.70 13.00 -11.93
CA HIS A 326 -18.49 12.24 -10.97
C HIS A 326 -17.59 11.49 -10.01
N TYR A 327 -18.18 11.02 -8.92
CA TYR A 327 -17.56 10.05 -8.04
C TYR A 327 -18.37 8.76 -8.06
N CYS A 328 -17.67 7.65 -7.89
CA CYS A 328 -18.31 6.49 -7.29
C CYS A 328 -18.65 6.77 -5.84
N GLY A 329 -17.86 7.62 -5.20
CA GLY A 329 -17.97 7.84 -3.77
C GLY A 329 -17.42 6.65 -3.02
N GLU A 330 -17.57 6.71 -1.69
CA GLU A 330 -17.26 5.63 -0.73
C GLU A 330 -15.90 4.97 -0.98
N MET A 331 -14.95 5.77 -1.47
CA MET A 331 -13.64 5.26 -1.88
C MET A 331 -12.56 5.82 -0.99
N GLY A 332 -11.34 5.34 -1.21
CA GLY A 332 -10.19 5.85 -0.48
C GLY A 332 -9.75 7.17 -1.08
N GLN A 333 -10.02 8.27 -0.38
CA GLN A 333 -9.76 9.60 -0.92
C GLN A 333 -9.20 10.55 0.13
N ASP A 334 -8.19 10.10 0.87
CA ASP A 334 -7.67 10.92 1.95
C ASP A 334 -6.83 12.08 1.40
N PHE A 335 -5.82 11.78 0.59
CA PHE A 335 -5.10 12.81 -0.14
C PHE A 335 -5.44 12.81 -1.62
N TRP A 336 -6.29 11.88 -2.06
CA TRP A 336 -6.72 11.82 -3.45
C TRP A 336 -7.40 13.12 -3.85
N ASP A 337 -8.05 13.78 -2.90
CA ASP A 337 -8.84 14.97 -3.20
C ASP A 337 -7.95 16.12 -3.64
N SER A 338 -6.69 16.15 -3.20
CA SER A 338 -5.77 17.20 -3.63
C SER A 338 -5.57 17.17 -5.14
N ARG A 339 -5.12 16.02 -5.65
CA ARG A 339 -4.96 15.88 -7.09
C ARG A 339 -6.31 15.85 -7.81
N ARG A 340 -7.39 15.55 -7.07
CA ARG A 340 -8.71 15.70 -7.66
C ARG A 340 -9.03 17.17 -7.94
N TRP A 341 -8.61 18.07 -7.04
CA TRP A 341 -8.69 19.49 -7.37
C TRP A 341 -7.78 19.82 -8.53
N GLN A 342 -6.55 19.30 -8.48
CA GLN A 342 -5.54 19.64 -9.47
C GLN A 342 -5.93 19.16 -10.86
N ARG A 343 -6.83 18.17 -10.93
CA ARG A 343 -7.33 17.73 -12.23
C ARG A 343 -8.69 18.33 -12.53
N GLU A 344 -9.45 18.72 -11.50
CA GLU A 344 -10.78 19.26 -11.76
C GLU A 344 -10.68 20.68 -12.29
N PHE A 345 -9.58 21.37 -11.98
CA PHE A 345 -9.43 22.73 -12.49
C PHE A 345 -9.21 22.70 -13.99
N GLU A 346 -8.76 21.56 -14.52
CA GLU A 346 -8.67 21.38 -15.96
C GLU A 346 -9.96 20.78 -16.51
N SER A 347 -10.35 19.61 -16.01
CA SER A 347 -11.25 18.72 -16.74
C SER A 347 -12.59 18.48 -16.08
N LYS A 348 -12.81 18.96 -14.86
CA LYS A 348 -14.06 18.70 -14.15
C LYS A 348 -14.62 20.03 -13.65
N GLN A 349 -15.44 20.67 -14.49
CA GLN A 349 -16.16 21.86 -14.03
C GLN A 349 -17.16 21.49 -12.95
N VAL A 350 -17.83 20.34 -13.11
CA VAL A 350 -18.77 19.83 -12.12
C VAL A 350 -18.31 18.45 -11.70
N LEU A 351 -17.88 18.34 -10.45
CA LEU A 351 -17.60 17.06 -9.83
C LEU A 351 -18.69 16.78 -8.80
N VAL A 352 -18.95 15.51 -8.57
CA VAL A 352 -20.05 15.08 -7.70
C VAL A 352 -19.45 14.40 -6.48
N MET A 353 -19.97 14.74 -5.31
CA MET A 353 -19.53 14.15 -4.06
C MET A 353 -20.67 14.22 -3.05
N THR A 354 -20.51 13.51 -1.93
CA THR A 354 -21.52 13.61 -0.89
C THR A 354 -21.17 14.73 0.07
N ALA A 355 -22.04 14.93 1.04
CA ALA A 355 -21.92 16.07 1.93
C ALA A 355 -20.70 15.95 2.83
N GLN A 356 -20.53 14.80 3.46
CA GLN A 356 -19.57 14.65 4.56
C GLN A 356 -18.15 14.72 4.05
N ILE A 357 -17.92 14.22 2.85
CA ILE A 357 -16.61 14.39 2.22
C ILE A 357 -16.32 15.86 2.02
N LEU A 358 -17.31 16.61 1.56
CA LEU A 358 -17.15 18.04 1.35
C LEU A 358 -16.96 18.76 2.67
N LEU A 359 -17.52 18.21 3.74
CA LEU A 359 -17.27 18.71 5.09
C LEU A 359 -15.81 18.55 5.48
N ASN A 360 -15.25 17.37 5.20
CA ASN A 360 -13.83 17.18 5.45
C ASN A 360 -13.00 18.08 4.56
N ILE A 361 -13.55 18.46 3.41
CA ILE A 361 -12.89 19.44 2.56
C ILE A 361 -12.97 20.83 3.18
N LEU A 362 -14.02 21.09 3.94
CA LEU A 362 -14.07 22.36 4.69
C LEU A 362 -12.97 22.41 5.75
N ARG A 363 -12.51 21.25 6.21
CA ARG A 363 -11.47 21.19 7.22
C ARG A 363 -10.11 21.57 6.65
N HIS A 364 -9.16 21.84 7.54
CA HIS A 364 -7.75 22.11 7.30
C HIS A 364 -7.50 23.39 6.52
N SER A 365 -8.56 24.18 6.30
CA SER A 365 -8.47 25.45 5.54
C SER A 365 -7.83 25.22 4.17
N ILE A 366 -8.50 24.48 3.28
CA ILE A 366 -7.97 24.19 1.91
C ILE A 366 -7.93 25.50 1.12
N ILE A 367 -6.95 25.68 0.24
CA ILE A 367 -6.75 26.94 -0.55
C ILE A 367 -7.74 28.05 -0.15
N ARG A 368 -8.70 28.36 -1.02
CA ARG A 368 -9.64 29.48 -0.73
C ARG A 368 -11.08 29.00 -0.91
N MET A 369 -11.60 28.21 0.03
CA MET A 369 -12.97 27.71 -0.03
C MET A 369 -13.28 27.17 -1.41
N GLU A 370 -12.27 26.71 -2.13
CA GLU A 370 -12.27 25.99 -3.40
C GLU A 370 -12.95 26.77 -4.53
N THR A 371 -13.13 28.08 -4.39
CA THR A 371 -13.72 28.96 -5.43
C THR A 371 -15.06 28.43 -5.91
N ILE A 372 -16.03 28.38 -5.01
CA ILE A 372 -17.26 27.67 -5.31
C ILE A 372 -18.37 28.64 -5.68
N ASP A 373 -18.76 29.50 -4.73
CA ASP A 373 -19.56 30.70 -4.99
C ASP A 373 -20.98 30.41 -5.50
N LEU A 374 -21.29 29.14 -5.74
CA LEU A 374 -22.49 28.68 -6.41
C LEU A 374 -22.71 27.24 -6.03
N LEU A 375 -23.97 26.88 -5.81
CA LEU A 375 -24.26 25.53 -5.33
C LEU A 375 -25.71 25.20 -5.65
N ILE A 376 -25.99 23.90 -5.68
CA ILE A 376 -27.35 23.39 -5.68
C ILE A 376 -27.39 22.35 -4.57
N LEU A 377 -28.52 22.29 -3.85
CA LEU A 377 -28.63 21.40 -2.71
C LEU A 377 -30.08 20.99 -2.52
N ASP A 378 -30.27 19.76 -2.03
CA ASP A 378 -31.57 19.26 -1.67
C ASP A 378 -31.54 18.81 -0.22
N GLU A 379 -32.69 18.28 0.23
CA GLU A 379 -32.92 17.91 1.63
C GLU A 379 -32.70 19.09 2.57
N CYS A 380 -32.91 20.31 2.05
CA CYS A 380 -32.63 21.54 2.83
C CYS A 380 -33.54 21.66 4.05
N HIS A 381 -34.69 20.98 4.06
CA HIS A 381 -35.54 21.00 5.27
C HIS A 381 -34.74 20.34 6.41
N HIS A 382 -34.02 19.27 6.07
CA HIS A 382 -33.21 18.53 7.09
C HIS A 382 -32.03 19.36 7.58
N ALA A 383 -31.72 20.50 6.95
CA ALA A 383 -30.50 21.23 7.33
C ALA A 383 -30.71 21.92 8.68
N VAL A 384 -30.60 21.12 9.74
CA VAL A 384 -30.84 21.60 11.10
C VAL A 384 -29.63 21.32 11.97
N LYS A 385 -29.77 21.60 13.27
CA LYS A 385 -28.65 21.64 14.22
C LYS A 385 -27.81 20.36 14.20
N LYS A 386 -28.46 19.20 14.18
CA LYS A 386 -27.72 17.96 14.11
C LYS A 386 -27.14 17.74 12.72
N HIS A 387 -27.83 18.26 11.71
CA HIS A 387 -27.45 17.99 10.33
C HIS A 387 -26.16 18.71 9.97
N PRO A 388 -25.37 18.16 9.06
CA PRO A 388 -24.15 18.84 8.62
C PRO A 388 -24.36 20.19 7.99
N TYR A 389 -25.38 20.34 7.13
CA TYR A 389 -25.49 21.52 6.27
C TYR A 389 -25.56 22.81 7.08
N SER A 390 -26.24 22.74 8.23
CA SER A 390 -26.27 23.88 9.15
C SER A 390 -24.89 24.20 9.66
N LEU A 391 -24.09 23.18 9.96
CA LEU A 391 -22.74 23.43 10.45
C LEU A 391 -21.86 23.97 9.34
N VAL A 392 -22.13 23.59 8.10
CA VAL A 392 -21.46 24.21 6.96
C VAL A 392 -21.77 25.70 6.92
N MET A 393 -23.06 26.04 6.95
CA MET A 393 -23.46 27.42 6.83
C MET A 393 -23.12 28.23 8.08
N SER A 394 -22.75 27.54 9.16
CA SER A 394 -22.26 28.26 10.34
C SER A 394 -20.97 28.99 10.02
N GLU A 395 -19.97 28.27 9.50
CA GLU A 395 -18.74 28.92 9.10
C GLU A 395 -18.90 29.64 7.78
N PHE A 396 -19.95 29.30 7.04
CA PHE A 396 -20.14 29.94 5.75
C PHE A 396 -21.11 31.11 5.80
N TYR A 397 -21.55 31.47 7.01
CA TYR A 397 -22.44 32.61 7.16
C TYR A 397 -21.74 33.89 6.73
N HIS A 398 -20.53 34.09 7.23
CA HIS A 398 -19.66 35.18 6.82
C HIS A 398 -19.05 34.86 5.46
N THR A 399 -19.82 35.05 4.40
CA THR A 399 -19.33 34.89 3.03
C THR A 399 -18.51 36.13 2.69
N THR A 400 -17.35 36.22 3.31
CA THR A 400 -16.49 37.37 3.11
C THR A 400 -15.52 37.27 1.93
N PRO A 401 -14.67 36.20 1.80
CA PRO A 401 -13.50 36.36 0.92
C PRO A 401 -13.89 36.29 -0.54
N LYS A 402 -13.93 37.47 -1.19
CA LYS A 402 -14.50 37.65 -2.52
C LYS A 402 -15.97 37.20 -2.54
N ASP A 403 -16.58 37.14 -1.35
CA ASP A 403 -17.84 36.42 -1.12
C ASP A 403 -17.75 35.01 -1.67
N LYS A 404 -17.00 34.16 -0.96
CA LYS A 404 -16.73 32.80 -1.46
C LYS A 404 -18.00 31.96 -1.55
N ARG A 405 -19.11 32.40 -0.97
CA ARG A 405 -20.38 31.68 -1.00
C ARG A 405 -21.54 32.67 -0.93
N PRO A 406 -21.64 33.56 -1.93
CA PRO A 406 -22.63 34.64 -1.82
C PRO A 406 -24.07 34.20 -2.09
N ALA A 407 -24.29 33.37 -3.11
CA ALA A 407 -25.62 33.00 -3.55
C ALA A 407 -25.87 31.55 -3.22
N ILE A 408 -27.09 31.28 -2.75
CA ILE A 408 -27.45 30.02 -2.13
C ILE A 408 -28.74 29.53 -2.77
N PHE A 409 -28.74 28.27 -3.22
CA PHE A 409 -29.84 27.68 -3.95
C PHE A 409 -30.10 26.27 -3.41
N GLY A 410 -31.30 26.05 -2.89
CA GLY A 410 -31.59 24.82 -2.17
C GLY A 410 -32.94 24.24 -2.55
N MET A 411 -33.15 22.98 -2.14
CA MET A 411 -34.36 22.25 -2.48
C MET A 411 -34.96 21.61 -1.23
N THR A 412 -36.07 22.19 -0.75
CA THR A 412 -36.79 21.61 0.42
C THR A 412 -38.09 21.00 -0.13
N ALA A 413 -38.28 21.09 -1.44
CA ALA A 413 -39.53 20.57 -2.07
C ALA A 413 -39.64 19.05 -1.95
N SER A 414 -38.55 18.31 -2.21
CA SER A 414 -38.66 16.83 -2.22
C SER A 414 -39.04 16.30 -0.83
N PRO A 415 -38.40 16.73 0.29
CA PRO A 415 -38.86 16.33 1.63
C PRO A 415 -39.56 17.52 2.28
N VAL A 416 -40.90 17.49 2.32
CA VAL A 416 -41.65 18.65 2.86
C VAL A 416 -42.09 18.35 4.30
N ASN A 417 -41.71 17.19 4.83
CA ASN A 417 -42.15 16.79 6.20
C ASN A 417 -41.21 17.41 7.23
N LEU A 418 -41.23 18.73 7.39
CA LEU A 418 -40.41 19.41 8.44
C LEU A 418 -40.89 18.98 9.81
N LYS A 419 -42.21 18.79 9.99
CA LYS A 419 -42.85 18.41 11.29
C LYS A 419 -43.36 19.68 11.98
N GLY A 420 -44.67 19.90 11.92
CA GLY A 420 -45.25 21.11 12.47
C GLY A 420 -46.22 21.91 11.63
N VAL A 421 -47.40 21.36 11.38
CA VAL A 421 -48.42 22.09 10.64
C VAL A 421 -49.24 22.97 11.60
N SER A 422 -49.32 22.57 12.87
CA SER A 422 -50.00 23.41 13.88
C SER A 422 -49.08 24.58 14.21
N SER A 423 -47.76 24.32 14.22
CA SER A 423 -46.79 25.43 14.43
C SER A 423 -46.65 26.24 13.14
N GLN A 424 -46.99 25.65 11.98
CA GLN A 424 -46.82 26.33 10.67
C GLN A 424 -48.14 26.39 9.90
N VAL A 425 -49.27 26.65 10.58
CA VAL A 425 -50.55 26.81 9.82
C VAL A 425 -50.36 27.99 8.88
N ASP A 426 -49.68 29.05 9.35
CA ASP A 426 -49.40 30.24 8.50
C ASP A 426 -48.28 29.93 7.51
N CYS A 427 -48.08 30.77 6.49
CA CYS A 427 -47.11 30.44 5.41
C CYS A 427 -45.66 30.28 5.88
N ALA A 428 -45.15 31.19 6.71
CA ALA A 428 -43.71 31.08 7.05
C ALA A 428 -43.47 31.09 8.56
N ILE A 429 -42.98 29.99 9.11
CA ILE A 429 -42.59 29.97 10.55
C ILE A 429 -41.17 29.39 10.58
N LYS A 430 -41.05 28.07 10.46
CA LYS A 430 -39.68 27.48 10.36
C LYS A 430 -39.05 27.92 9.04
N ILE A 431 -39.87 28.37 8.06
CA ILE A 431 -39.32 28.74 6.76
C ILE A 431 -38.50 30.00 6.88
N ARG A 432 -39.00 30.97 7.64
CA ARG A 432 -38.19 32.14 7.99
C ARG A 432 -36.91 31.71 8.69
N ASN A 433 -37.03 30.74 9.61
CA ASN A 433 -35.86 30.26 10.35
C ASN A 433 -34.80 29.69 9.41
N LEU A 434 -35.21 28.83 8.49
CA LEU A 434 -34.23 28.19 7.63
C LEU A 434 -33.69 29.15 6.58
N GLU A 435 -34.51 30.08 6.11
CA GLU A 435 -34.03 31.01 5.10
C GLU A 435 -33.15 32.08 5.73
N THR A 436 -33.25 32.23 7.05
CA THR A 436 -32.25 33.00 7.76
C THR A 436 -31.02 32.15 8.05
N LYS A 437 -31.19 30.84 8.12
CA LYS A 437 -30.04 29.96 8.29
C LYS A 437 -29.16 30.00 7.04
N LEU A 438 -29.68 29.53 5.92
CA LEU A 438 -28.87 29.39 4.72
C LEU A 438 -28.76 30.69 3.93
N ASP A 439 -29.47 31.74 4.35
CA ASP A 439 -29.37 33.07 3.77
C ASP A 439 -29.80 33.10 2.31
N SER A 440 -30.78 32.28 1.98
CA SER A 440 -31.29 32.23 0.62
C SER A 440 -32.78 32.54 0.66
N THR A 441 -33.22 33.33 -0.31
CA THR A 441 -34.57 33.86 -0.27
C THR A 441 -35.57 32.86 -0.81
N VAL A 442 -36.71 32.75 -0.14
CA VAL A 442 -37.77 31.87 -0.60
C VAL A 442 -38.47 32.48 -1.81
N CYS A 443 -38.81 31.65 -2.78
CA CYS A 443 -39.74 32.00 -3.84
C CYS A 443 -40.78 30.90 -3.94
N THR A 444 -42.03 31.25 -3.67
CA THR A 444 -43.10 30.28 -3.66
C THR A 444 -43.69 30.11 -5.06
N ILE A 445 -44.60 29.14 -5.18
CA ILE A 445 -45.28 28.88 -6.45
C ILE A 445 -46.22 30.02 -6.83
N LYS A 446 -46.61 30.86 -5.86
CA LYS A 446 -47.39 32.10 -6.01
C LYS A 446 -48.84 31.87 -6.41
N ASP A 447 -49.15 30.70 -6.97
CA ASP A 447 -50.45 30.31 -7.55
C ASP A 447 -50.30 28.90 -8.11
N ARG A 448 -51.40 28.32 -8.59
CA ARG A 448 -51.38 27.13 -9.44
C ARG A 448 -51.71 27.44 -10.89
N LYS A 449 -51.47 28.68 -11.34
CA LYS A 449 -51.74 28.98 -12.74
C LYS A 449 -50.59 28.50 -13.62
N GLU A 450 -49.36 28.57 -13.11
CA GLU A 450 -48.21 28.04 -13.81
C GLU A 450 -47.98 26.57 -13.47
N LEU A 451 -48.87 26.00 -12.67
CA LEU A 451 -48.92 24.57 -12.45
C LEU A 451 -50.26 24.08 -12.95
N GLU A 452 -50.44 22.77 -12.93
CA GLU A 452 -51.68 22.05 -13.19
C GLU A 452 -52.19 22.24 -14.62
N LYS A 453 -51.53 23.04 -15.45
CA LYS A 453 -51.91 23.10 -16.86
C LYS A 453 -51.54 21.81 -17.56
N HIS A 454 -50.42 21.22 -17.14
CA HIS A 454 -49.98 19.94 -17.65
C HIS A 454 -49.49 19.06 -16.52
N VAL A 455 -49.83 19.42 -15.27
CA VAL A 455 -49.33 18.65 -14.09
C VAL A 455 -50.54 18.16 -13.30
N PRO A 456 -51.41 17.27 -13.85
CA PRO A 456 -52.64 16.87 -13.17
C PRO A 456 -52.37 16.13 -11.86
N MET A 457 -53.20 16.39 -10.84
CA MET A 457 -53.03 15.70 -9.53
C MET A 457 -54.16 14.68 -9.37
N PRO A 458 -53.86 13.39 -9.11
CA PRO A 458 -54.90 12.37 -8.95
C PRO A 458 -55.80 12.66 -7.75
N SER A 459 -57.11 12.48 -7.91
CA SER A 459 -58.04 12.67 -6.77
C SER A 459 -57.75 11.61 -5.70
N GLU A 460 -57.82 11.98 -4.42
CA GLU A 460 -57.44 11.02 -3.36
C GLU A 460 -58.67 10.18 -3.00
N ILE A 461 -58.51 8.85 -2.97
CA ILE A 461 -59.65 7.99 -2.70
C ILE A 461 -59.36 7.22 -1.42
N VAL A 462 -60.27 7.30 -0.47
CA VAL A 462 -60.11 6.60 0.79
C VAL A 462 -60.88 5.29 0.72
N VAL A 463 -60.39 4.30 1.46
CA VAL A 463 -61.09 3.05 1.69
C VAL A 463 -61.18 2.86 3.19
N GLU A 464 -62.18 2.10 3.62
CA GLU A 464 -62.33 1.61 4.97
C GLU A 464 -61.53 0.30 5.11
N TYR A 465 -61.84 -0.50 6.13
CA TYR A 465 -61.09 -1.67 6.54
C TYR A 465 -60.67 -2.60 5.41
N ASP A 466 -59.58 -3.32 5.67
CA ASP A 466 -58.85 -4.08 4.67
C ASP A 466 -59.68 -5.13 3.96
N LYS A 467 -59.25 -5.49 2.75
CA LYS A 467 -59.71 -6.74 2.17
C LYS A 467 -58.93 -7.92 2.72
N ALA A 468 -58.02 -7.67 3.66
CA ALA A 468 -57.43 -8.74 4.45
C ALA A 468 -58.51 -9.38 5.29
N ALA A 469 -58.38 -10.68 5.52
CA ALA A 469 -59.36 -11.38 6.36
C ALA A 469 -59.34 -10.84 7.78
N THR A 470 -58.19 -10.99 8.46
CA THR A 470 -58.00 -10.56 9.86
C THR A 470 -59.07 -11.12 10.78
N MET A 471 -59.51 -12.36 10.49
CA MET A 471 -60.68 -12.90 11.16
C MET A 471 -60.30 -13.80 12.33
N TRP A 472 -59.03 -13.78 12.74
CA TRP A 472 -58.56 -14.58 13.86
C TRP A 472 -58.09 -13.64 14.97
N SER A 473 -58.96 -13.38 15.94
CA SER A 473 -58.67 -12.47 17.04
C SER A 473 -58.14 -13.18 18.28
N LEU A 474 -58.29 -14.51 18.37
CA LEU A 474 -57.72 -15.24 19.49
C LEU A 474 -56.20 -15.34 19.34
N HIS A 475 -55.71 -15.27 18.10
CA HIS A 475 -54.27 -15.31 17.88
C HIS A 475 -53.61 -14.02 18.34
N GLU A 476 -54.39 -12.95 18.50
CA GLU A 476 -53.90 -11.79 19.23
C GLU A 476 -53.52 -12.17 20.66
N THR A 477 -54.37 -12.94 21.33
CA THR A 477 -54.04 -13.38 22.67
C THR A 477 -52.91 -14.40 22.66
N ILE A 478 -52.85 -15.22 21.60
CA ILE A 478 -51.73 -16.15 21.43
C ILE A 478 -50.42 -15.38 21.34
N LYS A 479 -50.42 -14.30 20.57
CA LYS A 479 -49.21 -13.52 20.43
C LYS A 479 -48.96 -12.68 21.68
N GLN A 480 -49.98 -12.45 22.49
CA GLN A 480 -49.75 -11.82 23.78
C GLN A 480 -49.04 -12.80 24.72
N MET A 481 -49.41 -14.08 24.64
CA MET A 481 -48.70 -15.07 25.43
C MET A 481 -47.29 -15.30 24.90
N ILE A 482 -47.12 -15.22 23.58
CA ILE A 482 -45.80 -15.31 23.00
C ILE A 482 -45.01 -14.02 23.29
N ALA A 483 -45.73 -12.93 23.53
CA ALA A 483 -45.08 -11.73 24.03
C ALA A 483 -44.62 -11.92 25.46
N ALA A 484 -45.37 -12.68 26.25
CA ALA A 484 -44.91 -13.03 27.59
C ALA A 484 -43.69 -13.94 27.53
N VAL A 485 -43.68 -14.85 26.54
CA VAL A 485 -42.48 -15.63 26.21
C VAL A 485 -41.31 -14.70 25.91
N GLU A 486 -41.57 -13.65 25.13
CA GLU A 486 -40.52 -12.69 24.81
C GLU A 486 -40.10 -11.90 26.05
N GLU A 487 -41.04 -11.64 26.96
CA GLU A 487 -40.70 -10.95 28.20
C GLU A 487 -39.79 -11.81 29.06
N ALA A 488 -40.03 -13.13 29.04
CA ALA A 488 -39.09 -14.04 29.66
C ALA A 488 -37.74 -13.99 28.97
N ALA A 489 -37.74 -13.85 27.64
CA ALA A 489 -36.49 -13.74 26.90
C ALA A 489 -35.73 -12.46 27.28
N GLN A 490 -36.47 -11.39 27.58
CA GLN A 490 -35.83 -10.15 28.00
C GLN A 490 -35.31 -10.26 29.41
N ALA A 491 -36.11 -10.85 30.31
CA ALA A 491 -35.69 -11.06 31.69
C ALA A 491 -34.45 -11.94 31.74
N SER A 492 -34.32 -12.86 30.79
CA SER A 492 -33.03 -13.48 30.54
C SER A 492 -32.00 -12.45 30.12
N SER A 493 -32.31 -11.67 29.07
CA SER A 493 -31.33 -10.89 28.32
C SER A 493 -30.13 -11.76 27.97
N GLY A 526 -27.71 -10.41 20.24
CA GLY A 526 -28.66 -10.45 19.15
C GLY A 526 -30.05 -10.93 19.49
N ALA A 527 -30.41 -11.00 20.78
CA ALA A 527 -31.77 -11.38 21.15
C ALA A 527 -32.78 -10.31 20.72
N ALA A 528 -32.35 -9.05 20.72
CA ALA A 528 -33.26 -7.95 20.43
C ALA A 528 -33.73 -7.96 18.99
N ASN A 529 -32.87 -8.42 18.06
CA ASN A 529 -33.28 -8.49 16.67
C ASN A 529 -34.41 -9.49 16.49
N LEU A 530 -34.31 -10.63 17.16
CA LEU A 530 -35.36 -11.62 17.11
C LEU A 530 -36.59 -11.13 17.84
N ILE A 531 -36.40 -10.34 18.89
CA ILE A 531 -37.50 -9.68 19.57
C ILE A 531 -38.26 -8.78 18.61
N HIS A 532 -37.53 -8.04 17.79
CA HIS A 532 -38.16 -7.18 16.81
C HIS A 532 -38.77 -8.00 15.68
N LYS A 533 -38.19 -9.17 15.40
CA LYS A 533 -38.81 -10.10 14.47
C LYS A 533 -40.17 -10.55 14.98
N LEU A 534 -40.26 -10.76 16.29
CA LEU A 534 -41.53 -11.10 16.91
C LEU A 534 -42.51 -9.94 16.79
N ARG A 535 -42.03 -8.72 17.05
CA ARG A 535 -42.87 -7.54 16.87
C ARG A 535 -43.37 -7.45 15.43
N ALA A 536 -42.50 -7.77 14.48
CA ALA A 536 -42.84 -7.69 13.07
C ALA A 536 -43.92 -8.68 12.71
N ILE A 537 -43.78 -9.94 13.13
CA ILE A 537 -44.79 -10.93 12.80
C ILE A 537 -46.10 -10.61 13.50
N ASN A 538 -46.04 -9.97 14.67
CA ASN A 538 -47.24 -9.42 15.28
C ASN A 538 -47.91 -8.42 14.36
N TYR A 539 -47.14 -7.52 13.76
CA TYR A 539 -47.72 -6.51 12.89
C TYR A 539 -48.34 -7.16 11.66
N THR A 540 -47.68 -8.18 11.12
CA THR A 540 -48.20 -8.90 9.96
C THR A 540 -49.53 -9.54 10.26
N LEU A 541 -49.58 -10.33 11.33
CA LEU A 541 -50.82 -11.03 11.68
C LEU A 541 -51.90 -10.03 12.05
N ALA A 542 -51.51 -8.88 12.58
CA ALA A 542 -52.48 -7.86 12.93
C ALA A 542 -53.12 -7.27 11.68
N GLU A 543 -52.30 -6.79 10.75
CA GLU A 543 -52.85 -5.92 9.73
C GLU A 543 -53.36 -6.71 8.52
N LEU A 544 -52.74 -7.85 8.22
CA LEU A 544 -53.11 -8.60 7.03
C LEU A 544 -53.53 -10.04 7.29
N GLY A 545 -54.19 -10.32 8.40
CA GLY A 545 -54.68 -11.66 8.64
C GLY A 545 -53.56 -12.61 9.04
N GLN A 546 -53.93 -13.87 9.22
CA GLN A 546 -52.97 -14.82 9.76
C GLN A 546 -52.32 -15.65 8.67
N TRP A 547 -52.99 -15.81 7.53
CA TRP A 547 -52.41 -16.48 6.37
C TRP A 547 -51.15 -15.75 5.89
N CYS A 548 -51.21 -14.42 5.88
CA CYS A 548 -50.03 -13.66 5.50
C CYS A 548 -48.91 -13.89 6.49
N ALA A 549 -49.25 -13.89 7.77
CA ALA A 549 -48.26 -14.12 8.81
C ALA A 549 -47.74 -15.57 8.77
N TYR A 550 -48.50 -16.47 8.17
CA TYR A 550 -47.95 -17.79 7.84
C TYR A 550 -46.86 -17.68 6.80
N LYS A 551 -47.13 -16.92 5.73
CA LYS A 551 -46.09 -16.71 4.73
C LYS A 551 -44.87 -16.01 5.34
N VAL A 552 -45.13 -15.11 6.28
CA VAL A 552 -44.06 -14.42 7.00
C VAL A 552 -43.31 -15.39 7.90
N GLY A 553 -44.02 -16.32 8.51
CA GLY A 553 -43.36 -17.36 9.26
C GLY A 553 -42.50 -18.24 8.38
N GLN A 554 -42.94 -18.48 7.15
CA GLN A 554 -42.13 -19.24 6.18
C GLN A 554 -40.85 -18.50 5.83
N SER A 555 -40.96 -17.19 5.58
CA SER A 555 -39.76 -16.40 5.34
C SER A 555 -38.89 -16.35 6.58
N PHE A 556 -39.51 -16.38 7.76
CA PHE A 556 -38.75 -16.51 9.00
C PHE A 556 -38.02 -17.83 9.05
N LEU A 557 -38.62 -18.90 8.53
CA LEU A 557 -37.91 -20.17 8.44
C LEU A 557 -36.70 -20.06 7.54
N SER A 558 -36.83 -19.40 6.40
CA SER A 558 -35.68 -19.27 5.50
C SER A 558 -34.57 -18.43 6.14
N ALA A 559 -34.94 -17.26 6.67
CA ALA A 559 -33.97 -16.39 7.33
C ALA A 559 -33.34 -17.07 8.53
N LEU A 560 -34.14 -17.86 9.25
CA LEU A 560 -33.66 -18.51 10.46
C LEU A 560 -32.79 -19.71 10.14
N GLN A 561 -33.05 -20.37 9.00
CA GLN A 561 -32.15 -21.40 8.53
C GLN A 561 -30.79 -20.81 8.19
N SER A 562 -30.77 -19.64 7.53
CA SER A 562 -29.49 -18.98 7.29
C SER A 562 -28.83 -18.56 8.61
N ASP A 563 -29.64 -18.16 9.59
CA ASP A 563 -29.13 -17.85 10.92
C ASP A 563 -28.47 -19.05 11.58
N GLU A 564 -29.12 -20.22 11.51
CA GLU A 564 -28.57 -21.43 12.09
C GLU A 564 -27.34 -21.89 11.33
N ARG A 565 -27.24 -21.55 10.04
CA ARG A 565 -26.04 -21.87 9.28
C ARG A 565 -24.85 -21.03 9.71
N VAL A 566 -24.95 -19.71 9.55
CA VAL A 566 -23.75 -18.88 9.55
C VAL A 566 -23.27 -18.58 10.96
N ASN A 567 -24.21 -18.38 11.89
CA ASN A 567 -23.91 -17.90 13.23
C ASN A 567 -23.09 -18.93 14.00
N PHE A 568 -21.92 -18.51 14.48
CA PHE A 568 -21.10 -19.38 15.31
C PHE A 568 -21.36 -19.14 16.79
N GLN A 569 -22.07 -18.07 17.12
CA GLN A 569 -22.41 -17.81 18.52
C GLN A 569 -23.46 -18.79 19.00
N VAL A 570 -23.36 -19.19 20.27
CA VAL A 570 -24.06 -20.39 20.72
C VAL A 570 -25.30 -20.03 21.53
N ASP A 571 -25.26 -18.94 22.31
CA ASP A 571 -26.48 -18.45 22.94
C ASP A 571 -27.48 -18.03 21.88
N VAL A 572 -26.97 -17.38 20.84
CA VAL A 572 -27.85 -16.89 19.78
C VAL A 572 -28.33 -18.04 18.92
N LYS A 573 -27.52 -19.09 18.76
CA LYS A 573 -27.99 -20.25 18.02
C LYS A 573 -29.01 -21.05 18.82
N PHE A 574 -28.82 -21.11 20.14
CA PHE A 574 -29.87 -21.62 21.02
C PHE A 574 -31.17 -20.86 20.83
N GLN A 575 -31.09 -19.53 20.81
CA GLN A 575 -32.30 -18.77 20.64
C GLN A 575 -32.81 -18.85 19.21
N GLU A 576 -31.94 -19.24 18.28
CA GLU A 576 -32.40 -19.52 16.92
C GLU A 576 -33.25 -20.78 16.89
N SER A 577 -32.82 -21.81 17.63
CA SER A 577 -33.66 -23.00 17.78
C SER A 577 -34.95 -22.66 18.52
N TYR A 578 -34.85 -21.76 19.50
CA TYR A 578 -36.04 -21.26 20.20
C TYR A 578 -36.98 -20.56 19.24
N LEU A 579 -36.40 -19.76 18.33
CA LEU A 579 -37.19 -19.10 17.31
C LEU A 579 -37.88 -20.13 16.43
N SER A 580 -37.16 -21.21 16.10
CA SER A 580 -37.73 -22.21 15.20
C SER A 580 -38.89 -22.91 15.85
N GLU A 581 -38.80 -23.21 17.15
CA GLU A 581 -39.92 -23.89 17.79
C GLU A 581 -41.12 -22.96 17.95
N VAL A 582 -40.90 -21.71 18.36
CA VAL A 582 -42.03 -20.79 18.51
C VAL A 582 -42.66 -20.48 17.15
N VAL A 583 -41.84 -20.27 16.12
CA VAL A 583 -42.37 -19.87 14.83
C VAL A 583 -42.96 -21.07 14.12
N SER A 584 -42.48 -22.28 14.42
CA SER A 584 -43.08 -23.45 13.82
C SER A 584 -44.45 -23.68 14.40
N LEU A 585 -44.56 -23.52 15.73
CA LEU A 585 -45.87 -23.48 16.40
C LEU A 585 -46.82 -22.51 15.71
N LEU A 586 -46.46 -21.24 15.69
CA LEU A 586 -47.42 -20.23 15.25
C LEU A 586 -47.67 -20.33 13.74
N GLN A 587 -46.60 -20.38 12.94
CA GLN A 587 -46.73 -20.46 11.50
C GLN A 587 -47.42 -21.74 11.04
N CYS A 588 -47.31 -22.84 11.79
CA CYS A 588 -48.03 -24.04 11.38
C CYS A 588 -49.50 -23.91 11.73
N GLU A 589 -49.82 -23.15 12.78
CA GLU A 589 -51.22 -22.77 13.00
C GLU A 589 -51.74 -21.90 11.85
N LEU A 590 -50.92 -20.97 11.38
CA LEU A 590 -51.41 -20.00 10.42
C LEU A 590 -51.37 -20.52 8.99
N LEU A 591 -50.66 -21.62 8.74
CA LEU A 591 -50.84 -22.33 7.47
C LEU A 591 -52.25 -22.86 7.35
N GLU A 592 -52.81 -23.36 8.45
CA GLU A 592 -54.24 -23.63 8.50
C GLU A 592 -55.02 -22.34 8.38
N GLY A 593 -54.48 -21.24 8.93
CA GLY A 593 -55.04 -19.93 8.65
C GLY A 593 -54.95 -19.56 7.17
N ALA A 594 -54.05 -20.21 6.43
CA ALA A 594 -53.98 -20.05 4.98
C ALA A 594 -54.74 -21.14 4.25
N SER A 651 -54.93 -8.37 1.21
CA SER A 651 -55.81 -7.22 1.29
C SER A 651 -55.81 -6.48 -0.01
N LEU A 652 -56.69 -5.48 -0.09
CA LEU A 652 -56.93 -4.63 -1.25
C LEU A 652 -57.01 -5.41 -2.56
N ILE A 653 -57.45 -6.66 -2.50
CA ILE A 653 -57.25 -7.55 -3.63
C ILE A 653 -58.13 -7.15 -4.80
N LYS A 654 -59.37 -6.77 -4.53
CA LYS A 654 -60.27 -6.45 -5.63
C LYS A 654 -59.92 -5.11 -6.24
N LEU A 655 -59.28 -4.24 -5.44
CA LEU A 655 -58.60 -3.09 -5.99
C LEU A 655 -57.58 -3.50 -7.04
N LEU A 656 -56.81 -4.55 -6.74
CA LEU A 656 -55.86 -5.04 -7.72
C LEU A 656 -56.58 -5.63 -8.92
N LEU A 657 -57.72 -6.28 -8.66
CA LEU A 657 -58.38 -7.06 -9.70
C LEU A 657 -59.06 -6.15 -10.71
N LYS A 658 -59.62 -5.03 -10.25
CA LYS A 658 -60.22 -4.04 -11.18
C LYS A 658 -59.08 -3.42 -12.01
N TYR A 659 -57.86 -3.42 -11.46
CA TYR A 659 -56.67 -2.88 -12.17
C TYR A 659 -55.96 -4.02 -12.91
N GLN A 660 -56.48 -5.24 -12.82
CA GLN A 660 -55.78 -6.40 -13.45
C GLN A 660 -56.19 -6.52 -14.91
N HIS A 661 -57.48 -6.37 -15.22
CA HIS A 661 -57.87 -6.37 -16.62
C HIS A 661 -57.10 -5.28 -17.34
N THR A 662 -56.34 -5.69 -18.37
CA THR A 662 -55.32 -4.86 -19.01
C THR A 662 -54.44 -4.20 -17.95
N ALA A 663 -53.70 -5.04 -17.21
CA ALA A 663 -52.85 -4.58 -16.09
C ALA A 663 -52.21 -3.20 -16.25
N ASP A 664 -52.01 -2.51 -15.12
CA ASP A 664 -51.45 -1.13 -15.14
C ASP A 664 -50.11 -1.13 -15.86
N PHE A 665 -49.89 -0.15 -16.74
CA PHE A 665 -48.58 -0.04 -17.42
C PHE A 665 -47.50 0.22 -16.37
N ARG A 666 -47.77 1.14 -15.42
CA ARG A 666 -46.83 1.39 -14.30
C ARG A 666 -47.60 1.34 -12.98
N ALA A 667 -47.10 0.58 -11.99
CA ALA A 667 -47.81 0.45 -10.70
C ALA A 667 -46.87 0.75 -9.53
N ILE A 668 -47.32 1.56 -8.57
CA ILE A 668 -46.50 1.84 -7.35
C ILE A 668 -47.30 1.50 -6.09
N VAL A 669 -46.73 0.69 -5.20
CA VAL A 669 -47.40 0.35 -3.90
C VAL A 669 -46.50 0.87 -2.78
N PHE A 670 -47.07 1.54 -1.77
CA PHE A 670 -46.24 2.14 -0.73
C PHE A 670 -46.62 1.60 0.64
N VAL A 671 -45.73 0.79 1.24
CA VAL A 671 -45.87 0.29 2.61
C VAL A 671 -44.51 0.47 3.27
N GLU A 672 -44.45 0.39 4.61
CA GLU A 672 -43.15 0.47 5.27
C GLU A 672 -42.48 -0.89 5.39
N ARG A 673 -43.11 -1.83 6.11
CA ARG A 673 -42.45 -3.06 6.55
C ARG A 673 -41.97 -3.87 5.36
N VAL A 674 -40.65 -3.94 5.23
CA VAL A 674 -40.08 -4.39 3.96
C VAL A 674 -40.18 -5.90 3.84
N VAL A 675 -40.20 -6.61 4.96
CA VAL A 675 -40.23 -8.06 4.90
C VAL A 675 -41.61 -8.54 4.43
N ALA A 676 -42.64 -7.78 4.79
CA ALA A 676 -43.96 -8.04 4.24
C ALA A 676 -43.95 -7.84 2.74
N ALA A 677 -43.29 -6.78 2.28
CA ALA A 677 -43.18 -6.55 0.85
C ALA A 677 -42.39 -7.67 0.18
N LEU A 678 -41.45 -8.26 0.89
CA LEU A 678 -40.72 -9.40 0.37
C LEU A 678 -41.62 -10.64 0.30
N VAL A 679 -42.61 -10.71 1.17
CA VAL A 679 -43.41 -11.93 1.21
C VAL A 679 -44.63 -11.81 0.31
N LEU A 680 -44.95 -10.60 -0.14
CA LEU A 680 -46.03 -10.40 -1.11
C LEU A 680 -45.94 -11.23 -2.39
N PRO A 681 -44.83 -11.22 -3.17
CA PRO A 681 -44.89 -11.84 -4.50
C PRO A 681 -45.12 -13.33 -4.44
N LYS A 682 -44.70 -13.95 -3.34
CA LYS A 682 -45.02 -15.35 -3.10
C LYS A 682 -46.53 -15.56 -3.09
N VAL A 683 -47.23 -14.76 -2.31
CA VAL A 683 -48.68 -14.88 -2.22
C VAL A 683 -49.33 -14.53 -3.54
N PHE A 684 -48.70 -13.64 -4.31
CA PHE A 684 -49.37 -13.10 -5.49
C PHE A 684 -49.17 -14.01 -6.68
N ALA A 685 -48.07 -14.74 -6.71
CA ALA A 685 -47.98 -15.86 -7.61
C ALA A 685 -48.84 -17.01 -7.11
N GLU A 686 -49.04 -17.07 -5.80
CA GLU A 686 -49.66 -18.23 -5.18
C GLU A 686 -51.16 -18.30 -5.41
N LEU A 687 -51.94 -17.38 -4.86
CA LEU A 687 -53.38 -17.46 -5.09
C LEU A 687 -53.83 -16.84 -6.41
N PRO A 688 -53.58 -15.57 -6.73
CA PRO A 688 -54.17 -15.02 -7.97
C PRO A 688 -53.35 -15.27 -9.22
N SER A 689 -52.18 -15.87 -9.10
CA SER A 689 -51.27 -16.17 -10.21
C SER A 689 -50.98 -14.93 -11.06
N LEU A 690 -50.58 -13.85 -10.37
CA LEU A 690 -50.13 -12.61 -11.07
C LEU A 690 -48.72 -12.31 -10.56
N SER A 691 -47.72 -12.25 -11.45
CA SER A 691 -46.31 -12.09 -11.01
C SER A 691 -46.07 -10.75 -10.30
N PHE A 692 -45.17 -10.72 -9.30
CA PHE A 692 -44.89 -9.49 -8.52
C PHE A 692 -43.37 -9.33 -8.31
N ILE A 693 -42.88 -8.09 -8.16
CA ILE A 693 -41.43 -7.84 -7.91
C ILE A 693 -41.28 -6.80 -6.78
N ARG A 694 -40.14 -6.80 -6.07
CA ARG A 694 -39.97 -5.89 -4.90
C ARG A 694 -38.64 -5.12 -4.98
N CYS A 695 -38.56 -3.94 -4.35
CA CYS A 695 -37.30 -3.20 -4.25
C CYS A 695 -36.94 -3.05 -2.78
N ALA A 696 -35.85 -3.68 -2.36
CA ALA A 696 -35.48 -3.71 -0.96
C ALA A 696 -34.77 -2.43 -0.55
N SER A 697 -34.41 -2.35 0.74
CA SER A 697 -33.59 -1.26 1.22
C SER A 697 -32.17 -1.74 1.51
N MET A 698 -31.25 -0.79 1.61
CA MET A 698 -29.83 -1.13 1.73
C MET A 698 -29.42 -1.28 3.19
N ILE A 699 -30.24 -0.80 4.13
CA ILE A 699 -29.83 -0.88 5.52
C ILE A 699 -30.01 -2.30 6.00
N GLY A 700 -28.97 -2.84 6.60
CA GLY A 700 -28.92 -4.24 6.97
C GLY A 700 -27.69 -4.46 7.81
N HIS A 701 -27.45 -5.72 8.16
CA HIS A 701 -26.36 -6.07 9.06
C HIS A 701 -25.85 -7.48 8.79
N ASN A 702 -24.52 -7.59 8.64
CA ASN A 702 -23.81 -8.88 8.55
C ASN A 702 -24.30 -9.74 7.39
N ASN A 703 -24.06 -9.26 6.16
CA ASN A 703 -24.46 -9.92 4.91
C ASN A 703 -25.98 -10.09 4.85
N SER A 704 -26.71 -9.01 5.08
CA SER A 704 -28.16 -9.06 5.07
C SER A 704 -28.66 -9.31 3.65
N GLN A 705 -29.53 -10.30 3.51
CA GLN A 705 -30.08 -10.64 2.21
C GLN A 705 -30.95 -9.50 1.73
N GLU A 706 -30.43 -8.75 0.76
CA GLU A 706 -31.15 -7.63 0.21
C GLU A 706 -30.58 -7.36 -1.16
N MET A 707 -31.26 -6.49 -1.90
CA MET A 707 -30.66 -5.98 -3.12
C MET A 707 -29.56 -5.00 -2.79
N LYS A 708 -28.41 -5.18 -3.41
CA LYS A 708 -27.38 -4.16 -3.34
C LYS A 708 -27.83 -2.95 -4.16
N SER A 709 -27.09 -1.85 -4.01
CA SER A 709 -27.40 -0.64 -4.77
C SER A 709 -27.41 -0.91 -6.26
N SER A 710 -26.38 -1.59 -6.75
CA SER A 710 -26.37 -2.07 -8.12
C SER A 710 -27.54 -3.00 -8.39
N GLN A 711 -27.87 -3.88 -7.44
CA GLN A 711 -28.98 -4.82 -7.64
C GLN A 711 -30.30 -4.07 -7.66
N MET A 712 -30.40 -2.98 -6.90
CA MET A 712 -31.55 -2.11 -7.03
C MET A 712 -31.62 -1.48 -8.41
N GLN A 713 -30.48 -1.06 -8.97
CA GLN A 713 -30.50 -0.52 -10.31
C GLN A 713 -30.89 -1.57 -11.33
N ASP A 714 -30.48 -2.82 -11.10
CA ASP A 714 -30.93 -3.90 -11.96
C ASP A 714 -32.44 -4.06 -11.89
N THR A 715 -33.00 -3.98 -10.69
CA THR A 715 -34.44 -4.07 -10.53
C THR A 715 -35.12 -2.90 -11.21
N ILE A 716 -34.48 -1.73 -11.20
CA ILE A 716 -35.03 -0.56 -11.86
C ILE A 716 -35.01 -0.73 -13.37
N SER A 717 -33.94 -1.32 -13.90
CA SER A 717 -33.88 -1.55 -15.34
C SER A 717 -34.88 -2.60 -15.75
N LYS A 718 -35.10 -3.58 -14.89
CA LYS A 718 -36.19 -4.52 -15.11
C LYS A 718 -37.52 -3.81 -15.11
N PHE A 719 -37.68 -2.83 -14.21
CA PHE A 719 -38.88 -2.01 -14.22
C PHE A 719 -38.96 -1.19 -15.50
N ARG A 720 -37.81 -0.86 -16.08
CA ARG A 720 -37.82 -0.14 -17.34
C ARG A 720 -38.30 -1.04 -18.46
N ASP A 721 -38.01 -2.33 -18.35
CA ASP A 721 -38.72 -3.31 -19.15
C ASP A 721 -40.17 -3.33 -18.69
N GLY A 722 -41.08 -3.55 -19.65
CA GLY A 722 -42.52 -3.51 -19.35
C GLY A 722 -43.04 -4.70 -18.58
N HIS A 723 -42.54 -5.90 -18.85
CA HIS A 723 -43.13 -7.09 -18.15
C HIS A 723 -42.95 -6.91 -16.64
N VAL A 724 -41.76 -6.49 -16.20
CA VAL A 724 -41.49 -6.26 -14.75
C VAL A 724 -42.23 -5.00 -14.24
N THR A 725 -42.55 -4.05 -15.13
CA THR A 725 -43.37 -2.88 -14.69
C THR A 725 -44.71 -3.42 -14.19
N LEU A 726 -45.28 -4.40 -14.90
CA LEU A 726 -46.55 -5.05 -14.47
C LEU A 726 -46.32 -5.72 -13.12
N LEU A 727 -45.13 -6.27 -12.88
CA LEU A 727 -44.81 -6.97 -11.61
C LEU A 727 -44.94 -5.99 -10.44
N VAL A 728 -44.81 -4.69 -10.68
CA VAL A 728 -45.04 -3.62 -9.64
C VAL A 728 -43.73 -3.19 -8.97
N ALA A 729 -43.62 -1.92 -8.55
CA ALA A 729 -42.43 -1.43 -7.83
C ALA A 729 -42.82 -1.13 -6.38
N THR A 730 -42.00 -1.55 -5.42
CA THR A 730 -42.33 -1.41 -4.00
C THR A 730 -41.05 -1.15 -3.21
N SER A 731 -41.01 -0.03 -2.48
CA SER A 731 -39.81 0.32 -1.71
C SER A 731 -40.16 1.20 -0.52
N VAL A 732 -39.11 1.53 0.24
CA VAL A 732 -39.29 2.38 1.42
C VAL A 732 -38.38 3.60 1.33
N ALA A 733 -37.37 3.56 0.46
CA ALA A 733 -36.54 4.74 0.25
C ALA A 733 -37.26 5.74 -0.65
N GLU A 734 -37.74 5.28 -1.80
CA GLU A 734 -38.77 5.91 -2.61
C GLU A 734 -38.34 7.20 -3.27
N GLU A 735 -37.05 7.52 -3.27
CA GLU A 735 -36.64 8.82 -3.77
C GLU A 735 -35.78 8.70 -5.01
N GLY A 736 -35.84 9.74 -5.85
CA GLY A 736 -34.87 9.96 -6.90
C GLY A 736 -34.87 8.97 -8.04
N LEU A 737 -36.01 8.59 -8.56
CA LEU A 737 -36.10 7.70 -9.71
C LEU A 737 -36.93 8.35 -10.80
N ASP A 738 -36.70 7.95 -12.05
CA ASP A 738 -37.48 8.44 -13.17
C ASP A 738 -38.57 7.42 -13.51
N ILE A 739 -39.71 7.54 -12.85
CA ILE A 739 -40.86 6.71 -13.16
C ILE A 739 -42.08 7.60 -13.33
N ARG A 740 -42.67 7.54 -14.52
CA ARG A 740 -43.61 8.57 -14.94
C ARG A 740 -44.94 7.90 -15.26
N GLN A 741 -46.02 8.71 -15.22
CA GLN A 741 -47.37 8.22 -15.60
C GLN A 741 -47.69 6.86 -14.98
N CYS A 742 -47.65 6.78 -13.65
CA CYS A 742 -48.09 5.52 -12.97
C CYS A 742 -49.58 5.65 -12.70
N ASN A 743 -50.41 4.85 -13.37
CA ASN A 743 -51.89 4.98 -13.25
C ASN A 743 -52.36 4.67 -11.82
N VAL A 744 -51.78 3.68 -11.16
CA VAL A 744 -52.31 3.30 -9.81
C VAL A 744 -51.34 3.80 -8.73
N VAL A 745 -51.85 4.61 -7.79
CA VAL A 745 -51.01 5.05 -6.64
C VAL A 745 -51.59 4.33 -5.42
N MET A 746 -50.78 3.55 -4.71
CA MET A 746 -51.33 2.73 -3.59
C MET A 746 -50.49 2.91 -2.34
N ARG A 747 -50.53 4.09 -1.72
CA ARG A 747 -49.82 4.29 -0.42
C ARG A 747 -50.49 3.41 0.63
N PHE A 748 -50.20 2.11 0.64
CA PHE A 748 -50.82 1.20 1.59
C PHE A 748 -50.18 1.37 2.96
N ASP A 749 -50.89 2.08 3.83
CA ASP A 749 -50.52 2.26 5.23
C ASP A 749 -49.19 2.99 5.36
N LEU A 750 -49.08 4.11 4.66
CA LEU A 750 -47.98 5.04 4.84
C LEU A 750 -48.58 6.42 5.08
N ALA A 751 -48.31 6.98 6.26
CA ALA A 751 -49.00 8.21 6.64
C ALA A 751 -48.11 9.14 7.45
N LYS A 752 -46.92 8.65 7.81
CA LYS A 752 -45.92 9.51 8.52
C LYS A 752 -45.47 10.65 7.61
N THR A 753 -45.36 10.40 6.31
CA THR A 753 -44.84 11.45 5.40
C THR A 753 -45.85 11.66 4.27
N VAL A 754 -47.01 12.25 4.59
CA VAL A 754 -48.04 12.56 3.55
C VAL A 754 -47.45 13.58 2.59
N LEU A 755 -46.67 14.53 3.11
CA LEU A 755 -46.00 15.53 2.24
C LEU A 755 -45.03 14.80 1.30
N ALA A 756 -44.31 13.79 1.79
CA ALA A 756 -43.45 12.96 0.91
C ALA A 756 -44.32 12.18 -0.08
N TYR A 757 -45.52 11.77 0.32
CA TYR A 757 -46.44 11.11 -0.64
C TYR A 757 -46.74 12.08 -1.79
N ILE A 758 -46.84 13.36 -1.50
CA ILE A 758 -47.16 14.36 -2.51
C ILE A 758 -46.00 14.48 -3.49
N GLN A 759 -44.79 14.25 -2.99
CA GLN A 759 -43.69 13.92 -3.88
C GLN A 759 -44.04 12.75 -4.78
N SER A 760 -44.45 11.62 -4.19
CA SER A 760 -44.76 10.45 -5.00
C SER A 760 -45.98 10.66 -5.89
N ARG A 761 -46.77 11.69 -5.60
CA ARG A 761 -47.93 12.04 -6.42
C ARG A 761 -47.49 12.83 -7.63
N GLY A 762 -46.54 13.74 -7.44
CA GLY A 762 -45.94 14.39 -8.60
C GLY A 762 -45.11 13.44 -9.42
N ARG A 763 -44.63 12.36 -8.79
CA ARG A 763 -43.82 11.36 -9.50
C ARG A 763 -44.58 10.95 -10.76
N ALA A 764 -45.92 11.00 -10.71
CA ALA A 764 -46.73 10.50 -11.85
C ALA A 764 -47.64 11.59 -12.43
N ARG A 765 -47.59 11.81 -13.74
CA ARG A 765 -48.57 12.73 -14.36
C ARG A 765 -49.91 11.97 -14.34
N LYS A 766 -51.03 12.66 -14.14
CA LYS A 766 -52.31 11.91 -13.99
C LYS A 766 -53.10 11.89 -15.30
N PRO A 767 -53.22 10.73 -15.99
CA PRO A 767 -54.06 10.63 -17.19
C PRO A 767 -55.45 10.16 -16.75
N GLY A 768 -56.13 10.95 -15.90
CA GLY A 768 -57.43 10.51 -15.36
C GLY A 768 -57.22 9.51 -14.23
N SER A 769 -55.97 9.34 -13.78
CA SER A 769 -55.63 8.37 -12.70
C SER A 769 -56.16 8.86 -11.35
N ASP A 770 -56.46 7.93 -10.44
CA ASP A 770 -56.94 8.32 -9.08
C ASP A 770 -56.04 7.65 -8.03
N TYR A 771 -55.60 8.42 -7.02
CA TYR A 771 -54.80 7.81 -5.91
C TYR A 771 -55.77 7.06 -5.00
N ILE A 772 -55.29 5.99 -4.34
CA ILE A 772 -56.21 5.17 -3.51
C ILE A 772 -55.58 4.98 -2.12
N LEU A 773 -56.35 5.19 -1.04
CA LEU A 773 -55.81 5.11 0.35
C LEU A 773 -56.57 4.06 1.17
N MET A 774 -56.25 2.79 0.96
CA MET A 774 -56.79 1.74 1.82
C MET A 774 -56.29 2.02 3.23
N VAL A 775 -57.14 2.61 4.05
CA VAL A 775 -56.87 2.73 5.48
C VAL A 775 -57.94 1.94 6.20
N GLU A 776 -57.57 1.26 7.28
CA GLU A 776 -58.57 0.48 7.96
C GLU A 776 -59.58 1.37 8.66
N ARG A 777 -60.84 0.98 8.52
CA ARG A 777 -61.91 1.59 9.29
C ARG A 777 -61.68 1.42 10.79
N GLY A 778 -61.03 0.32 11.17
CA GLY A 778 -60.56 0.21 12.54
C GLY A 778 -59.45 1.18 12.82
N ASN A 779 -59.31 1.52 14.12
CA ASN A 779 -58.29 2.46 14.62
C ASN A 779 -58.41 3.82 13.94
N VAL A 780 -59.50 4.53 14.22
CA VAL A 780 -59.74 5.80 13.55
C VAL A 780 -58.94 6.88 14.29
N SER A 781 -57.65 6.90 14.02
CA SER A 781 -56.86 8.10 14.16
C SER A 781 -56.45 8.58 12.77
N HIS A 782 -56.88 7.87 11.73
CA HIS A 782 -56.64 8.31 10.38
C HIS A 782 -57.60 9.40 9.95
N ALA A 783 -58.67 9.62 10.72
CA ALA A 783 -59.37 10.89 10.61
C ALA A 783 -58.42 12.03 10.93
N ALA A 784 -57.66 11.90 12.02
CA ALA A 784 -56.64 12.88 12.34
C ALA A 784 -55.58 12.93 11.26
N PHE A 785 -55.28 11.79 10.64
CA PHE A 785 -54.22 11.79 9.64
C PHE A 785 -54.70 12.48 8.37
N LEU A 786 -55.97 12.32 8.05
CA LEU A 786 -56.48 12.96 6.83
C LEU A 786 -56.68 14.45 7.05
N ARG A 787 -57.07 14.86 8.26
CA ARG A 787 -57.14 16.31 8.48
C ARG A 787 -55.75 16.89 8.55
N ASN A 788 -54.77 16.08 8.93
CA ASN A 788 -53.39 16.52 8.83
C ASN A 788 -52.99 16.70 7.38
N ALA A 789 -53.42 15.79 6.52
CA ALA A 789 -53.23 15.96 5.08
C ALA A 789 -53.91 17.23 4.59
N ARG A 790 -55.12 17.46 5.06
CA ARG A 790 -55.86 18.66 4.70
C ARG A 790 -55.13 19.91 5.18
N ASN A 791 -54.59 19.86 6.39
CA ASN A 791 -53.85 20.98 6.94
C ASN A 791 -52.54 21.16 6.19
N SER A 792 -52.02 20.06 5.65
CA SER A 792 -50.82 20.14 4.83
C SER A 792 -51.09 20.88 3.55
N GLU A 793 -52.20 20.57 2.87
CA GLU A 793 -52.52 21.34 1.68
C GLU A 793 -52.93 22.76 2.05
N GLU A 794 -53.48 22.92 3.26
CA GLU A 794 -53.81 24.28 3.75
C GLU A 794 -52.51 25.08 3.85
N THR A 795 -51.50 24.49 4.52
CA THR A 795 -50.18 25.17 4.69
C THR A 795 -49.53 25.39 3.32
N LEU A 796 -49.66 24.41 2.41
CA LEU A 796 -49.12 24.60 1.04
C LEU A 796 -49.84 25.77 0.38
N ARG A 797 -51.17 25.86 0.57
CA ARG A 797 -51.94 27.02 0.03
C ARG A 797 -51.48 28.29 0.75
N LYS A 798 -51.20 28.19 2.05
CA LYS A 798 -50.75 29.37 2.84
C LYS A 798 -49.41 29.87 2.31
N GLU A 799 -48.46 28.97 1.99
CA GLU A 799 -47.12 29.44 1.56
C GLU A 799 -47.25 29.83 0.10
N ALA A 800 -48.24 29.27 -0.59
CA ALA A 800 -48.55 29.66 -1.96
C ALA A 800 -48.89 31.13 -2.05
N ILE A 801 -49.56 31.67 -1.02
CA ILE A 801 -49.59 33.11 -0.86
C ILE A 801 -48.22 33.57 -0.40
N GLU A 802 -47.66 34.54 -1.11
CA GLU A 802 -46.33 35.02 -0.79
C GLU A 802 -46.35 35.80 0.53
N ARG A 803 -45.41 35.47 1.41
CA ARG A 803 -45.17 36.20 2.66
C ARG A 803 -46.43 36.20 3.55
N THR A 804 -47.12 35.07 3.68
CA THR A 804 -48.37 35.17 4.49
C THR A 804 -48.02 35.15 5.98
N ASP A 805 -46.86 34.63 6.36
CA ASP A 805 -46.44 34.73 7.79
C ASP A 805 -45.02 35.28 7.87
N LEU A 806 -44.53 35.91 6.79
CA LEU A 806 -43.16 36.46 6.78
C LEU A 806 -43.20 37.89 7.30
N SER A 807 -43.67 38.83 6.50
CA SER A 807 -43.78 40.24 6.88
C SER A 807 -44.84 40.47 7.94
N HIS A 808 -45.62 39.43 8.25
CA HIS A 808 -46.82 39.58 9.13
C HIS A 808 -46.39 39.68 10.59
N LEU A 809 -45.76 38.62 11.09
CA LEU A 809 -45.31 38.62 12.51
C LEU A 809 -43.95 39.33 12.57
N LYS A 810 -43.76 40.21 13.55
CA LYS A 810 -42.46 40.92 13.73
C LYS A 810 -42.00 40.64 15.15
N ASP A 811 -42.90 40.83 16.12
CA ASP A 811 -42.61 40.59 17.53
C ASP A 811 -43.10 39.22 17.96
N THR A 812 -44.30 38.85 17.51
CA THR A 812 -44.87 37.56 17.89
C THR A 812 -44.10 36.42 17.23
N SER A 813 -43.45 36.69 16.10
CA SER A 813 -42.56 35.70 15.51
C SER A 813 -41.37 35.43 16.42
N ARG A 814 -40.89 36.47 17.11
CA ARG A 814 -39.88 36.26 18.13
C ARG A 814 -40.48 35.57 19.34
N LEU A 815 -41.78 35.76 19.58
CA LEU A 815 -42.42 34.97 20.67
C LEU A 815 -42.92 33.63 20.12
N ILE A 816 -42.72 33.36 18.83
CA ILE A 816 -43.13 32.03 18.27
C ILE A 816 -41.90 31.12 18.06
N SER A 817 -40.84 31.60 17.40
CA SER A 817 -39.70 30.68 17.10
C SER A 817 -38.50 31.39 16.44
N ILE A 818 -38.56 32.69 16.15
CA ILE A 818 -37.44 33.32 15.45
C ILE A 818 -36.52 34.02 16.44
N ASP A 819 -36.97 34.18 17.68
CA ASP A 819 -36.01 34.44 18.75
C ASP A 819 -35.48 33.12 19.30
N ALA A 820 -36.28 32.07 19.20
CA ALA A 820 -35.77 30.73 19.48
C ALA A 820 -34.84 30.27 18.37
N VAL A 821 -34.98 30.82 17.17
CA VAL A 821 -34.02 30.57 16.10
C VAL A 821 -33.47 31.92 15.66
N PRO A 822 -32.50 32.50 16.38
CA PRO A 822 -31.84 33.71 15.89
C PRO A 822 -30.60 33.36 15.09
N GLY A 823 -29.82 34.38 14.70
CA GLY A 823 -28.53 34.11 14.10
C GLY A 823 -27.49 33.68 15.13
N THR A 824 -27.64 32.45 15.63
CA THR A 824 -26.97 31.92 16.83
C THR A 824 -25.46 31.80 16.64
N VAL A 825 -24.90 32.20 15.49
CA VAL A 825 -23.48 32.09 15.17
C VAL A 825 -22.53 32.82 16.11
N TYR A 826 -23.09 33.54 17.11
CA TYR A 826 -22.31 34.40 18.01
C TYR A 826 -21.17 33.67 18.72
N LYS A 827 -21.46 32.52 19.32
CA LYS A 827 -20.46 31.86 20.15
C LYS A 827 -19.33 31.28 19.31
N VAL A 828 -18.15 31.87 19.47
CA VAL A 828 -16.99 31.53 18.65
C VAL A 828 -16.35 30.23 19.11
N GLU A 829 -16.37 29.95 20.41
CA GLU A 829 -15.82 28.70 20.89
C GLU A 829 -16.78 27.54 20.66
N ALA A 830 -18.03 27.85 20.30
CA ALA A 830 -18.96 26.78 19.95
C ALA A 830 -18.57 26.11 18.64
N THR A 831 -18.15 26.89 17.65
CA THR A 831 -17.81 26.29 16.37
C THR A 831 -16.44 25.61 16.42
N GLY A 832 -15.50 26.17 17.18
CA GLY A 832 -14.24 25.47 17.41
C GLY A 832 -14.46 24.21 18.21
N ALA A 833 -15.42 24.24 19.14
CA ALA A 833 -15.73 23.06 19.94
C ALA A 833 -16.41 21.98 19.11
N MET A 834 -17.31 22.38 18.20
CA MET A 834 -18.01 21.40 17.38
C MET A 834 -17.08 20.79 16.35
N VAL A 835 -16.30 21.63 15.67
CA VAL A 835 -15.24 21.16 14.78
C VAL A 835 -14.30 20.24 15.54
N SER A 836 -14.03 20.57 16.80
CA SER A 836 -13.16 19.74 17.61
C SER A 836 -13.80 18.41 17.95
N LEU A 837 -15.09 18.40 18.27
CA LEU A 837 -15.86 17.16 18.44
C LEU A 837 -15.70 16.26 17.23
N ASN A 838 -16.13 16.74 16.07
CA ASN A 838 -16.15 15.93 14.86
C ASN A 838 -14.75 15.46 14.47
N SER A 839 -13.83 16.41 14.34
CA SER A 839 -12.49 16.10 13.86
C SER A 839 -11.74 15.25 14.88
N ALA A 840 -11.98 15.46 16.17
CA ALA A 840 -11.24 14.71 17.17
C ALA A 840 -11.75 13.28 17.26
N VAL A 841 -13.04 13.06 17.05
CA VAL A 841 -13.51 11.68 16.96
C VAL A 841 -12.98 11.01 15.70
N GLY A 842 -12.97 11.73 14.58
CA GLY A 842 -12.40 11.17 13.36
C GLY A 842 -10.91 10.90 13.49
N LEU A 843 -10.22 11.70 14.29
CA LEU A 843 -8.80 11.50 14.46
C LEU A 843 -8.52 10.47 15.54
N VAL A 844 -9.44 10.32 16.48
CA VAL A 844 -9.48 9.13 17.33
C VAL A 844 -9.53 7.89 16.47
N HIS A 845 -10.37 7.90 15.44
CA HIS A 845 -10.42 6.78 14.51
C HIS A 845 -9.11 6.64 13.75
N PHE A 846 -8.55 7.77 13.31
CA PHE A 846 -7.34 7.73 12.49
C PHE A 846 -6.16 7.22 13.28
N TYR A 847 -6.04 7.63 14.53
CA TYR A 847 -4.94 7.14 15.36
C TYR A 847 -5.28 5.78 15.94
N CYS A 848 -6.55 5.38 15.90
CA CYS A 848 -6.89 3.98 16.11
C CYS A 848 -6.45 3.13 14.93
N SER A 849 -6.24 3.75 13.78
CA SER A 849 -5.71 3.04 12.62
C SER A 849 -4.19 3.04 12.63
N GLN A 850 -3.58 3.04 13.83
CA GLN A 850 -2.14 3.13 14.01
C GLN A 850 -1.41 1.97 13.36
N LEU A 851 -1.39 0.80 14.01
CA LEU A 851 -0.82 -0.46 13.43
C LEU A 851 -0.99 -1.60 14.45
N PRO A 852 -2.23 -2.12 14.67
CA PRO A 852 -2.44 -3.13 15.72
C PRO A 852 -1.68 -4.44 15.49
N GLY A 853 -1.66 -4.95 14.25
CA GLY A 853 -0.90 -6.18 13.93
C GLY A 853 -1.51 -7.46 14.48
N ASP A 854 -1.67 -7.55 15.82
CA ASP A 854 -2.19 -8.79 16.44
C ASP A 854 -3.62 -9.05 15.96
N ARG A 855 -4.44 -7.99 15.85
CA ARG A 855 -5.82 -8.12 15.35
C ARG A 855 -6.04 -7.03 14.30
N TYR A 856 -7.00 -7.22 13.39
CA TYR A 856 -7.21 -6.24 12.29
C TYR A 856 -7.63 -4.89 12.90
N ALA A 857 -8.51 -4.93 13.92
CA ALA A 857 -8.91 -3.68 14.61
C ALA A 857 -8.70 -3.85 16.12
N ILE A 858 -8.03 -2.90 16.78
CA ILE A 858 -7.87 -2.95 18.25
C ILE A 858 -8.45 -1.67 18.87
N LEU A 859 -9.32 -1.80 19.87
CA LEU A 859 -9.94 -0.63 20.56
C LEU A 859 -8.90 0.13 21.38
N ARG A 860 -7.87 0.72 20.76
CA ARG A 860 -6.92 1.53 21.52
C ARG A 860 -7.49 2.79 22.20
N PRO A 861 -8.32 3.62 21.54
CA PRO A 861 -8.98 4.68 22.29
C PRO A 861 -10.35 4.23 22.79
N GLU A 862 -10.63 4.56 24.05
CA GLU A 862 -11.89 4.15 24.67
C GLU A 862 -12.21 5.11 25.81
N PHE A 863 -13.35 4.89 26.44
CA PHE A 863 -13.90 5.82 27.42
C PHE A 863 -14.92 5.12 28.29
N SER A 864 -15.29 5.78 29.37
CA SER A 864 -16.45 5.41 30.16
C SER A 864 -17.14 6.69 30.64
N MET A 865 -18.42 6.57 30.96
CA MET A 865 -19.27 7.71 31.25
C MET A 865 -19.65 7.67 32.72
N GLU A 866 -19.65 8.84 33.37
CA GLU A 866 -20.06 8.94 34.76
C GLU A 866 -21.01 10.11 34.92
N LYS A 867 -22.21 9.81 35.41
CA LYS A 867 -23.16 10.85 35.78
C LYS A 867 -22.61 11.62 36.97
N HIS A 868 -22.13 12.82 36.70
CA HIS A 868 -21.53 13.66 37.74
C HIS A 868 -22.52 14.73 38.19
N GLU A 869 -23.78 14.34 38.33
CA GLU A 869 -24.83 15.28 38.70
C GLU A 869 -24.55 15.89 40.06
N LYS A 870 -24.45 17.21 40.11
CA LYS A 870 -24.21 17.89 41.37
C LYS A 870 -25.52 18.37 41.96
N PRO A 871 -25.83 17.93 43.20
CA PRO A 871 -27.08 18.31 43.86
C PRO A 871 -27.39 19.79 43.72
N GLY A 872 -28.54 20.11 43.13
CA GLY A 872 -28.89 21.50 42.90
C GLY A 872 -29.26 21.71 41.45
N GLY A 873 -29.23 20.63 40.67
CA GLY A 873 -29.57 20.73 39.26
C GLY A 873 -28.35 20.90 38.37
N HIS A 874 -27.18 21.00 38.97
CA HIS A 874 -25.96 21.18 38.19
C HIS A 874 -25.39 19.86 37.73
N THR A 875 -26.12 19.15 36.88
CA THR A 875 -25.62 17.89 36.35
C THR A 875 -24.29 18.11 35.63
N GLU A 876 -23.31 17.27 35.94
CA GLU A 876 -22.06 17.28 35.21
C GLU A 876 -21.83 15.88 34.65
N TYR A 877 -20.75 15.71 33.91
CA TYR A 877 -20.48 14.41 33.30
C TYR A 877 -19.00 14.13 33.26
N SER A 878 -18.56 13.20 34.09
CA SER A 878 -17.18 12.75 34.08
C SER A 878 -16.97 11.82 32.90
N CYS A 879 -16.24 12.31 31.91
CA CYS A 879 -15.85 11.54 30.75
C CYS A 879 -14.47 10.96 31.00
N ARG A 880 -14.40 9.65 31.17
CA ARG A 880 -13.17 8.97 31.52
C ARG A 880 -12.53 8.48 30.24
N LEU A 881 -11.39 9.06 29.87
CA LEU A 881 -10.82 8.84 28.53
C LEU A 881 -9.53 8.05 28.64
N GLN A 882 -9.52 6.85 28.06
CA GLN A 882 -8.36 5.97 28.06
C GLN A 882 -7.80 5.88 26.65
N LEU A 883 -6.48 5.89 26.55
CA LEU A 883 -5.73 6.04 25.31
C LEU A 883 -4.77 4.87 25.10
N PRO A 884 -4.26 4.68 23.89
CA PRO A 884 -3.16 3.74 23.70
C PRO A 884 -1.87 4.23 24.35
N CYS A 885 -0.86 3.36 24.28
CA CYS A 885 0.47 3.74 24.74
C CYS A 885 1.09 4.78 23.80
N ASN A 886 0.78 4.68 22.50
CA ASN A 886 1.32 5.63 21.53
C ASN A 886 0.71 7.01 21.74
N ALA A 887 -0.41 7.08 22.45
CA ALA A 887 -0.97 8.35 22.88
C ALA A 887 -0.43 8.67 24.27
N PRO A 888 0.54 9.58 24.39
CA PRO A 888 1.20 9.81 25.69
C PRO A 888 0.33 10.42 26.77
N PHE A 889 -0.25 11.61 26.50
CA PHE A 889 -0.64 12.55 27.54
C PHE A 889 -2.06 13.04 27.25
N GLU A 890 -2.97 12.10 27.02
CA GLU A 890 -4.32 12.45 26.64
C GLU A 890 -5.37 11.81 27.53
N ILE A 891 -4.94 11.07 28.55
CA ILE A 891 -5.88 10.49 29.50
C ILE A 891 -6.59 11.60 30.27
N LEU A 892 -7.92 11.61 30.20
CA LEU A 892 -8.69 12.63 30.89
C LEU A 892 -9.94 12.00 31.50
N GLU A 893 -10.14 12.27 32.78
CA GLU A 893 -11.27 11.73 33.53
C GLU A 893 -11.95 12.93 34.21
N GLY A 894 -12.82 13.61 33.47
CA GLY A 894 -13.25 14.92 33.90
C GLY A 894 -14.74 15.19 33.80
N PRO A 895 -15.35 15.56 34.94
CA PRO A 895 -16.67 16.19 34.90
C PRO A 895 -16.58 17.57 34.28
N VAL A 896 -16.50 17.61 32.95
CA VAL A 896 -16.05 18.81 32.27
C VAL A 896 -17.24 19.58 31.72
N CYS A 897 -18.31 18.89 31.35
CA CYS A 897 -19.48 19.58 30.84
C CYS A 897 -20.76 18.92 31.32
N SER A 898 -21.86 19.67 31.15
CA SER A 898 -23.10 19.31 31.81
C SER A 898 -23.78 18.14 31.11
N SER A 899 -23.76 18.13 29.79
CA SER A 899 -24.27 16.99 29.06
C SER A 899 -23.17 15.96 28.85
N MET A 900 -23.58 14.72 28.62
CA MET A 900 -22.62 13.65 28.40
C MET A 900 -21.92 13.84 27.06
N ARG A 901 -22.69 14.00 25.99
CA ARG A 901 -22.12 14.25 24.67
C ARG A 901 -21.35 15.55 24.65
N LEU A 902 -21.76 16.51 25.47
CA LEU A 902 -21.02 17.76 25.57
C LEU A 902 -19.72 17.56 26.32
N ALA A 903 -19.72 16.68 27.33
CA ALA A 903 -18.47 16.32 27.98
C ALA A 903 -17.53 15.63 27.00
N GLN A 904 -18.09 14.84 26.08
CA GLN A 904 -17.26 14.21 25.06
C GLN A 904 -16.73 15.25 24.07
N GLN A 905 -17.54 16.27 23.79
CA GLN A 905 -17.07 17.37 22.96
C GLN A 905 -15.93 18.11 23.62
N ALA A 906 -16.00 18.27 24.94
CA ALA A 906 -14.94 18.98 25.65
C ALA A 906 -13.68 18.13 25.74
N VAL A 907 -13.81 16.83 25.88
CA VAL A 907 -12.61 16.00 25.87
C VAL A 907 -12.06 15.93 24.46
N CYS A 908 -12.92 16.10 23.46
CA CYS A 908 -12.44 16.30 22.10
C CYS A 908 -11.70 17.61 21.96
N LEU A 909 -12.09 18.62 22.73
CA LEU A 909 -11.36 19.88 22.71
C LEU A 909 -9.98 19.74 23.32
N ALA A 910 -9.91 19.03 24.44
CA ALA A 910 -8.61 18.68 25.00
C ALA A 910 -7.77 17.92 24.00
N ALA A 911 -8.36 16.94 23.34
CA ALA A 911 -7.66 16.14 22.34
C ALA A 911 -7.22 16.99 21.16
N CYS A 912 -8.05 17.95 20.74
CA CYS A 912 -7.70 18.72 19.55
C CYS A 912 -6.58 19.68 19.87
N LYS A 913 -6.55 20.20 21.10
CA LYS A 913 -5.40 20.98 21.52
C LYS A 913 -4.14 20.11 21.55
N LYS A 914 -4.28 18.88 22.07
CA LYS A 914 -3.14 17.98 22.16
C LYS A 914 -2.63 17.58 20.77
N LEU A 915 -3.52 17.57 19.79
CA LEU A 915 -3.06 17.17 18.46
C LEU A 915 -2.65 18.37 17.61
N HIS A 916 -3.15 19.57 17.96
CA HIS A 916 -2.48 20.79 17.55
C HIS A 916 -1.01 20.72 17.93
N GLU A 917 -0.75 20.28 19.16
CA GLU A 917 0.62 20.04 19.61
C GLU A 917 1.30 18.98 18.78
N MET A 918 0.79 17.74 18.84
CA MET A 918 1.53 16.61 18.28
C MET A 918 1.29 16.43 16.79
N GLY A 919 0.04 16.12 16.41
CA GLY A 919 -0.19 15.61 15.07
C GLY A 919 -0.07 16.66 13.98
N ALA A 920 -0.88 17.72 14.08
CA ALA A 920 -0.87 18.86 13.17
C ALA A 920 -1.00 18.50 11.68
N GLU A 975 66.78 14.61 -13.52
CA GLU A 975 66.91 14.41 -12.08
C GLU A 975 65.69 13.68 -11.54
N VAL A 976 65.33 12.56 -12.16
CA VAL A 976 64.27 11.70 -11.68
C VAL A 976 64.87 10.69 -10.72
N CYS A 977 64.10 10.31 -9.70
CA CYS A 977 64.62 9.41 -8.68
C CYS A 977 64.75 8.00 -9.24
N GLU A 978 65.99 7.52 -9.30
CA GLU A 978 66.31 6.24 -9.93
C GLU A 978 65.85 5.12 -9.02
N SER A 979 65.05 4.21 -9.56
CA SER A 979 64.48 3.10 -8.83
C SER A 979 64.44 1.89 -9.75
N SER A 980 64.99 0.76 -9.29
CA SER A 980 65.27 -0.39 -10.14
C SER A 980 64.37 -1.56 -9.76
N LYS A 981 64.07 -2.44 -10.71
CA LYS A 981 63.14 -3.53 -10.48
C LYS A 981 63.85 -4.87 -10.53
N LEU A 982 63.58 -5.71 -9.54
CA LEU A 982 64.13 -7.04 -9.46
C LEU A 982 62.98 -8.03 -9.45
N PHE A 983 63.24 -9.26 -9.90
CA PHE A 983 62.21 -10.23 -10.18
C PHE A 983 62.75 -11.64 -9.98
N HIS A 984 61.89 -12.56 -9.55
CA HIS A 984 62.31 -13.93 -9.25
C HIS A 984 61.11 -14.87 -9.13
N SER A 1007 69.78 -7.84 -17.65
CA SER A 1007 69.27 -6.47 -17.69
C SER A 1007 67.93 -6.34 -16.98
N GLU A 1008 67.95 -5.85 -15.75
CA GLU A 1008 66.74 -5.77 -14.95
C GLU A 1008 66.02 -4.44 -15.18
N PHE A 1009 64.71 -4.44 -14.96
CA PHE A 1009 63.90 -3.31 -15.38
C PHE A 1009 63.88 -2.20 -14.34
N ALA A 1010 63.27 -1.09 -14.73
CA ALA A 1010 63.19 0.13 -13.94
C ALA A 1010 62.18 1.06 -14.59
N ILE A 1011 61.40 1.76 -13.76
CA ILE A 1011 60.50 2.79 -14.26
C ILE A 1011 61.27 4.12 -14.25
N LEU A 1012 60.76 5.08 -15.03
CA LEU A 1012 61.24 6.45 -14.97
C LEU A 1012 60.06 7.37 -14.76
N PHE A 1013 59.98 8.00 -13.58
CA PHE A 1013 58.95 8.97 -13.24
C PHE A 1013 59.59 10.08 -12.44
N GLY A 1014 59.00 11.27 -12.52
CA GLY A 1014 59.44 12.36 -11.66
C GLY A 1014 59.25 12.07 -10.18
N ASN A 1015 58.21 11.31 -9.86
CA ASN A 1015 57.92 10.98 -8.47
C ASN A 1015 58.95 10.00 -7.92
N GLU A 1016 59.12 10.05 -6.59
CA GLU A 1016 60.02 9.09 -5.89
C GLU A 1016 59.11 8.18 -5.08
N LEU A 1017 59.14 6.86 -5.34
CA LEU A 1017 58.19 5.96 -4.62
C LEU A 1017 58.52 5.96 -3.12
N ASP A 1018 57.51 6.13 -2.26
CA ASP A 1018 57.74 6.05 -0.80
C ASP A 1018 57.90 4.58 -0.43
N ALA A 1019 58.86 4.26 0.44
CA ALA A 1019 59.12 2.85 0.78
C ALA A 1019 57.88 2.24 1.45
N GLU A 1020 57.26 2.98 2.37
CA GLU A 1020 56.09 2.45 3.11
C GLU A 1020 54.91 2.23 2.15
N VAL A 1021 54.64 3.19 1.25
CA VAL A 1021 53.47 3.06 0.33
C VAL A 1021 53.70 1.89 -0.63
N LEU A 1022 54.93 1.73 -1.14
CA LEU A 1022 55.22 0.66 -2.13
C LEU A 1022 55.16 -0.71 -1.44
N SER A 1023 54.56 -1.71 -2.09
CA SER A 1023 54.57 -3.08 -1.52
C SER A 1023 56.01 -3.59 -1.55
N MET A 1024 56.46 -4.28 -0.48
CA MET A 1024 57.88 -4.71 -0.44
C MET A 1024 58.11 -5.69 -1.60
N SER A 1025 57.20 -6.64 -1.80
CA SER A 1025 57.31 -7.57 -2.95
C SER A 1025 55.92 -7.77 -3.58
N MET A 1026 55.83 -7.84 -4.92
CA MET A 1026 54.48 -8.09 -5.44
C MET A 1026 54.54 -9.38 -6.24
N ASP A 1027 53.40 -10.06 -6.39
CA ASP A 1027 53.36 -11.40 -6.94
C ASP A 1027 52.71 -11.44 -8.31
N LEU A 1028 53.05 -12.46 -9.09
CA LEU A 1028 52.48 -12.72 -10.40
C LEU A 1028 52.18 -14.20 -10.52
N TYR A 1029 51.04 -14.52 -11.13
CA TYR A 1029 50.54 -15.88 -11.18
C TYR A 1029 50.18 -16.27 -12.61
N VAL A 1030 50.88 -17.27 -13.13
CA VAL A 1030 50.65 -17.79 -14.46
C VAL A 1030 50.45 -19.29 -14.35
N ALA A 1031 50.29 -19.95 -15.50
CA ALA A 1031 50.08 -21.39 -15.52
C ALA A 1031 51.32 -22.14 -15.04
N ARG A 1032 52.50 -21.53 -15.18
CA ARG A 1032 53.73 -22.20 -14.77
C ARG A 1032 53.97 -22.04 -13.28
N ALA A 1033 54.23 -20.81 -12.83
CA ALA A 1033 54.65 -20.59 -11.46
C ALA A 1033 54.45 -19.13 -11.08
N MET A 1034 54.69 -18.85 -9.79
CA MET A 1034 54.64 -17.51 -9.25
C MET A 1034 55.95 -16.80 -9.54
N ILE A 1035 55.87 -15.51 -9.83
CA ILE A 1035 57.04 -14.65 -9.96
C ILE A 1035 56.80 -13.39 -9.15
N THR A 1036 57.68 -13.11 -8.19
CA THR A 1036 57.53 -11.93 -7.32
C THR A 1036 58.69 -10.97 -7.51
N LYS A 1037 58.48 -9.72 -7.14
CA LYS A 1037 59.30 -8.60 -7.58
C LYS A 1037 59.48 -7.56 -6.47
N ALA A 1038 60.54 -6.74 -6.56
CA ALA A 1038 60.79 -5.68 -5.56
C ALA A 1038 61.43 -4.44 -6.21
N SER A 1039 61.38 -3.28 -5.55
CA SER A 1039 61.94 -2.02 -6.10
C SER A 1039 62.82 -1.30 -5.08
N LEU A 1040 63.76 -0.46 -5.54
CA LEU A 1040 64.69 0.26 -4.61
C LEU A 1040 65.19 1.58 -5.22
N ALA A 1041 65.12 2.69 -4.47
CA ALA A 1041 65.54 4.00 -4.94
C ALA A 1041 66.99 4.25 -4.53
N PHE A 1042 67.92 3.81 -5.38
CA PHE A 1042 69.33 4.04 -5.09
C PHE A 1042 69.70 5.50 -5.31
N LYS A 1043 69.60 5.97 -6.55
CA LYS A 1043 69.93 7.36 -6.87
C LYS A 1043 68.67 8.21 -6.80
N GLY A 1044 68.58 9.01 -5.75
CA GLY A 1044 67.59 10.06 -5.67
C GLY A 1044 67.94 11.15 -6.68
N SER A 1045 67.00 11.41 -7.59
CA SER A 1045 67.14 12.40 -8.66
C SER A 1045 68.34 12.10 -9.57
N LEU A 1046 68.28 10.98 -10.28
CA LEU A 1046 69.28 10.70 -11.32
C LEU A 1046 68.83 11.32 -12.64
N ASP A 1047 69.77 11.92 -13.36
CA ASP A 1047 69.47 12.75 -14.51
C ASP A 1047 70.03 12.17 -15.80
N ILE A 1048 69.16 12.07 -16.83
CA ILE A 1048 69.53 11.62 -18.17
C ILE A 1048 69.03 12.66 -19.17
N THR A 1049 69.70 12.73 -20.32
CA THR A 1049 69.41 13.75 -21.32
C THR A 1049 68.06 13.51 -22.00
N GLU A 1050 67.22 14.56 -22.01
CA GLU A 1050 65.81 14.37 -22.36
C GLU A 1050 65.60 14.19 -23.85
N ASN A 1051 66.61 14.50 -24.67
CA ASN A 1051 66.47 14.29 -26.11
C ASN A 1051 66.74 12.84 -26.49
N GLN A 1052 67.79 12.25 -25.90
CA GLN A 1052 67.96 10.81 -25.95
C GLN A 1052 66.76 10.11 -25.35
N LEU A 1053 66.21 10.68 -24.27
CA LEU A 1053 64.96 10.18 -23.71
C LEU A 1053 63.82 10.28 -24.72
N SER A 1054 63.81 11.33 -25.54
CA SER A 1054 62.75 11.50 -26.52
C SER A 1054 62.85 10.45 -27.63
N SER A 1055 64.06 10.22 -28.12
CA SER A 1055 64.27 9.20 -29.15
C SER A 1055 63.92 7.81 -28.63
N LEU A 1056 64.38 7.47 -27.43
CA LEU A 1056 64.11 6.15 -26.91
C LEU A 1056 62.66 6.04 -26.39
N LYS A 1057 62.00 7.17 -26.17
CA LYS A 1057 60.57 7.16 -25.88
C LYS A 1057 59.76 6.89 -27.13
N LYS A 1058 60.19 7.45 -28.27
CA LYS A 1058 59.64 7.05 -29.55
C LYS A 1058 59.82 5.55 -29.76
N PHE A 1059 60.97 5.01 -29.36
CA PHE A 1059 61.15 3.57 -29.47
C PHE A 1059 60.28 2.80 -28.47
N HIS A 1060 60.02 3.38 -27.28
CA HIS A 1060 59.18 2.71 -26.31
C HIS A 1060 57.73 2.61 -26.81
N VAL A 1061 57.22 3.70 -27.35
CA VAL A 1061 55.87 3.66 -27.89
C VAL A 1061 55.84 2.86 -29.19
N ARG A 1062 57.01 2.72 -29.84
CA ARG A 1062 57.14 1.75 -30.93
C ARG A 1062 57.00 0.32 -30.40
N LEU A 1063 57.56 0.05 -29.22
CA LEU A 1063 57.38 -1.24 -28.58
C LEU A 1063 55.92 -1.50 -28.27
N MET A 1064 55.24 -0.49 -27.73
CA MET A 1064 53.81 -0.63 -27.44
C MET A 1064 52.99 -0.81 -28.71
N SER A 1065 53.40 -0.15 -29.80
CA SER A 1065 52.46 0.13 -30.88
C SER A 1065 52.59 -0.88 -32.02
N ILE A 1066 53.82 -1.20 -32.43
CA ILE A 1066 54.06 -2.11 -33.55
C ILE A 1066 54.72 -3.40 -33.08
N VAL A 1067 55.43 -3.36 -31.96
CA VAL A 1067 56.10 -4.56 -31.47
C VAL A 1067 55.16 -5.38 -30.60
N LEU A 1068 54.60 -4.76 -29.56
CA LEU A 1068 53.56 -5.42 -28.80
C LEU A 1068 52.20 -5.30 -29.48
N ASP A 1069 52.04 -4.34 -30.37
CA ASP A 1069 50.82 -4.10 -31.13
C ASP A 1069 49.61 -3.88 -30.22
N TYR A 1085 57.07 6.55 -15.81
CA TYR A 1085 56.33 6.57 -17.07
C TYR A 1085 56.75 5.43 -17.99
N LEU A 1086 58.05 5.13 -18.03
CA LEU A 1086 58.62 4.24 -19.04
C LEU A 1086 59.53 3.20 -18.39
N PHE A 1087 59.59 2.02 -19.00
CA PHE A 1087 60.25 0.84 -18.45
C PHE A 1087 61.57 0.61 -19.17
N VAL A 1088 62.55 0.06 -18.45
CA VAL A 1088 63.87 -0.18 -19.03
C VAL A 1088 64.54 -1.41 -18.42
N PRO A 1089 65.08 -2.31 -19.24
CA PRO A 1089 65.99 -3.34 -18.71
C PRO A 1089 67.41 -2.80 -18.62
N VAL A 1090 67.99 -2.90 -17.43
CA VAL A 1090 69.26 -2.26 -17.11
C VAL A 1090 70.27 -3.32 -16.70
N THR A 1091 71.39 -3.38 -17.42
CA THR A 1091 72.38 -4.41 -17.21
C THR A 1091 73.15 -4.20 -15.91
N GLY A 1101 75.13 1.57 -15.55
CA GLY A 1101 75.33 0.37 -16.34
C GLY A 1101 74.16 0.07 -17.26
N ILE A 1102 73.54 1.13 -17.79
CA ILE A 1102 72.36 0.95 -18.62
C ILE A 1102 72.76 0.59 -20.03
N ASN A 1103 72.01 -0.33 -20.63
CA ASN A 1103 72.29 -0.82 -21.98
C ASN A 1103 71.53 0.02 -22.99
N TRP A 1104 71.91 1.31 -23.06
CA TRP A 1104 71.33 2.24 -24.03
C TRP A 1104 71.52 1.74 -25.46
N GLU A 1105 72.68 1.13 -25.73
CA GLU A 1105 73.03 0.71 -27.08
C GLU A 1105 72.08 -0.36 -27.61
N LEU A 1106 71.59 -1.24 -26.72
CA LEU A 1106 70.58 -2.22 -27.12
C LEU A 1106 69.28 -1.51 -27.49
N VAL A 1107 68.94 -0.48 -26.72
CA VAL A 1107 67.72 0.28 -26.96
C VAL A 1107 67.78 0.94 -28.33
N GLU A 1108 68.91 1.55 -28.67
CA GLU A 1108 69.02 2.18 -29.98
C GLU A 1108 69.12 1.14 -31.09
N LYS A 1109 69.74 -0.01 -30.81
CA LYS A 1109 69.85 -1.06 -31.81
C LYS A 1109 68.48 -1.58 -32.22
N ILE A 1110 67.60 -1.78 -31.24
CA ILE A 1110 66.26 -2.24 -31.58
C ILE A 1110 65.39 -1.05 -31.98
N THR A 1111 65.84 0.17 -31.68
CA THR A 1111 65.17 1.35 -32.24
C THR A 1111 65.31 1.41 -33.74
N LYS A 1112 66.51 1.15 -34.26
CA LYS A 1112 66.65 0.99 -35.70
C LYS A 1112 66.00 -0.31 -36.16
N THR A 1113 66.28 -1.39 -35.46
CA THR A 1113 65.80 -2.72 -35.86
C THR A 1113 64.57 -3.12 -35.05
N LEU A 1199 74.21 -18.62 -51.56
CA LEU A 1199 73.32 -19.13 -50.52
C LEU A 1199 73.86 -18.88 -49.12
N MET A 1200 72.96 -18.71 -48.18
CA MET A 1200 73.34 -18.39 -46.81
C MET A 1200 73.29 -19.63 -45.92
N MET A 1201 74.06 -19.58 -44.84
CA MET A 1201 74.19 -20.69 -43.90
C MET A 1201 73.57 -20.30 -42.57
N ALA A 1202 72.96 -21.26 -41.88
CA ALA A 1202 72.34 -20.99 -40.60
C ALA A 1202 73.33 -21.13 -39.46
N ASP A 1203 73.06 -20.42 -38.37
CA ASP A 1203 73.81 -20.53 -37.13
C ASP A 1203 72.83 -20.76 -36.00
N GLY A 1204 73.04 -21.85 -35.24
CA GLY A 1204 72.11 -22.17 -34.17
C GLY A 1204 72.23 -21.22 -32.98
N CYS A 1205 73.38 -20.58 -32.84
CA CYS A 1205 73.60 -19.70 -31.70
C CYS A 1205 72.80 -18.41 -31.84
N MET A 1206 72.64 -17.91 -33.07
CA MET A 1206 71.83 -16.72 -33.28
C MET A 1206 70.36 -16.99 -32.98
N VAL A 1207 69.91 -18.22 -33.26
CA VAL A 1207 68.52 -18.59 -33.05
C VAL A 1207 68.31 -19.39 -31.77
N ALA A 1208 69.29 -19.41 -30.87
CA ALA A 1208 69.11 -20.08 -29.58
C ALA A 1208 68.04 -19.41 -28.75
N GLU A 1209 67.86 -18.09 -28.91
CA GLU A 1209 66.79 -17.35 -28.24
C GLU A 1209 66.48 -16.14 -29.10
N ASP A 1210 65.34 -16.15 -29.78
CA ASP A 1210 65.07 -15.12 -30.77
C ASP A 1210 63.58 -15.03 -31.05
N LEU A 1211 63.20 -14.14 -31.96
CA LEU A 1211 61.79 -14.02 -32.40
C LEU A 1211 61.86 -13.82 -33.91
N ILE A 1212 61.02 -14.50 -34.69
CA ILE A 1212 61.17 -14.35 -36.17
C ILE A 1212 59.96 -13.63 -36.74
N GLY A 1213 60.14 -12.44 -37.32
CA GLY A 1213 59.02 -11.69 -37.92
C GLY A 1213 58.46 -12.40 -39.14
N LYS A 1214 57.14 -12.36 -39.33
CA LYS A 1214 56.50 -13.00 -40.52
C LYS A 1214 57.00 -12.29 -41.79
N ARG A 1224 55.02 -13.07 -36.14
CA ARG A 1224 56.12 -13.16 -35.14
C ARG A 1224 56.03 -14.50 -34.41
N PHE A 1225 57.17 -15.19 -34.26
CA PHE A 1225 57.20 -16.52 -33.60
C PHE A 1225 58.41 -16.59 -32.65
N TYR A 1226 58.33 -17.43 -31.61
CA TYR A 1226 59.46 -17.57 -30.65
C TYR A 1226 60.44 -18.60 -31.21
N VAL A 1227 61.73 -18.39 -30.99
CA VAL A 1227 62.74 -19.29 -31.53
C VAL A 1227 63.46 -19.89 -30.32
N ASP A 1228 62.96 -21.01 -29.82
CA ASP A 1228 63.63 -21.65 -28.70
C ASP A 1228 64.82 -22.50 -29.15
N SER A 1229 64.64 -23.31 -30.19
CA SER A 1229 65.67 -24.23 -30.64
C SER A 1229 65.49 -24.65 -32.09
N ILE A 1230 66.28 -25.63 -32.55
CA ILE A 1230 66.28 -26.08 -33.94
C ILE A 1230 66.29 -27.61 -33.99
N CYS A 1231 66.27 -28.14 -35.22
CA CYS A 1231 66.58 -29.53 -35.50
C CYS A 1231 67.41 -29.59 -36.77
N TYR A 1232 68.57 -30.25 -36.69
CA TYR A 1232 69.39 -30.41 -37.90
C TYR A 1232 69.14 -31.75 -38.57
N ASP A 1233 68.72 -32.75 -37.79
CA ASP A 1233 68.35 -34.05 -38.36
C ASP A 1233 67.19 -33.90 -39.33
N MET A 1234 66.21 -33.09 -38.97
CA MET A 1234 65.19 -32.68 -39.92
C MET A 1234 65.66 -31.42 -40.64
N SER A 1235 65.71 -31.50 -41.97
CA SER A 1235 66.11 -30.37 -42.79
C SER A 1235 64.95 -30.00 -43.69
N ALA A 1236 65.14 -28.93 -44.48
CA ALA A 1236 64.06 -28.45 -45.33
C ALA A 1236 63.75 -29.43 -46.45
N GLU A 1237 64.74 -30.25 -46.85
CA GLU A 1237 64.52 -31.21 -47.92
C GLU A 1237 63.69 -32.39 -47.45
N THR A 1238 63.61 -32.61 -46.14
CA THR A 1238 62.90 -33.77 -45.62
C THR A 1238 61.39 -33.58 -45.76
N SER A 1239 60.65 -34.68 -45.65
CA SER A 1239 59.22 -34.64 -45.90
C SER A 1239 58.48 -33.97 -44.74
N PHE A 1240 57.30 -33.45 -45.04
CA PHE A 1240 56.37 -33.00 -44.02
C PHE A 1240 55.71 -34.23 -43.43
N PRO A 1241 56.06 -34.65 -42.22
CA PRO A 1241 55.56 -35.93 -41.72
C PRO A 1241 54.13 -35.75 -41.23
N ARG A 1242 53.23 -36.48 -41.87
CA ARG A 1242 51.83 -36.49 -41.52
C ARG A 1242 51.48 -37.90 -41.09
N LYS A 1243 51.44 -38.12 -39.77
CA LYS A 1243 51.20 -39.45 -39.23
C LYS A 1243 49.82 -39.95 -39.59
N GLU A 1244 48.87 -39.03 -39.70
CA GLU A 1244 47.48 -39.36 -40.01
C GLU A 1244 47.31 -39.47 -41.52
N GLY A 1245 46.83 -40.62 -41.98
CA GLY A 1245 46.71 -40.85 -43.41
C GLY A 1245 45.33 -41.25 -43.87
N TYR A 1246 44.27 -40.86 -43.17
CA TYR A 1246 42.93 -41.33 -43.52
C TYR A 1246 42.39 -40.60 -44.74
N LEU A 1247 42.38 -39.27 -44.70
CA LEU A 1247 42.03 -38.47 -45.87
C LEU A 1247 43.18 -38.31 -46.84
N GLY A 1248 44.36 -38.82 -46.49
CA GLY A 1248 45.56 -38.64 -47.27
C GLY A 1248 45.96 -37.18 -47.42
N PRO A 1249 46.38 -36.54 -46.32
CA PRO A 1249 46.81 -35.15 -46.42
C PRO A 1249 48.14 -35.06 -47.13
N LEU A 1250 48.40 -33.91 -47.74
CA LEU A 1250 49.58 -33.78 -48.59
C LEU A 1250 50.83 -33.71 -47.72
N GLU A 1251 51.59 -34.79 -47.69
CA GLU A 1251 52.91 -34.82 -47.07
C GLU A 1251 53.85 -34.04 -47.99
N TYR A 1252 54.15 -32.80 -47.61
CA TYR A 1252 55.02 -31.97 -48.43
C TYR A 1252 56.44 -32.53 -48.39
N ASN A 1253 56.90 -32.99 -49.55
CA ASN A 1253 58.10 -33.83 -49.60
C ASN A 1253 59.36 -33.05 -49.24
N THR A 1254 59.39 -31.76 -49.55
CA THR A 1254 60.31 -30.85 -48.88
C THR A 1254 59.48 -29.73 -48.29
N TYR A 1255 60.04 -29.06 -47.29
CA TYR A 1255 59.36 -27.89 -46.75
C TYR A 1255 59.56 -26.69 -47.69
N ALA A 1256 60.64 -26.70 -48.46
CA ALA A 1256 60.75 -25.79 -49.59
C ALA A 1256 59.64 -26.06 -50.60
N ASP A 1257 59.22 -27.31 -50.76
CA ASP A 1257 58.08 -27.58 -51.66
C ASP A 1257 56.79 -27.17 -50.96
N TYR A 1258 56.74 -27.25 -49.61
CA TYR A 1258 55.54 -26.76 -48.89
C TYR A 1258 55.41 -25.25 -49.12
N TYR A 1259 56.52 -24.53 -49.00
CA TYR A 1259 56.49 -23.07 -49.23
C TYR A 1259 56.14 -22.80 -50.71
N LYS A 1260 56.69 -23.61 -51.61
CA LYS A 1260 56.42 -23.44 -53.07
C LYS A 1260 54.93 -23.66 -53.35
N GLN A 1261 54.33 -24.68 -52.72
CA GLN A 1261 52.90 -25.00 -52.98
C GLN A 1261 52.00 -23.86 -52.49
N LYS A 1262 52.30 -23.28 -51.33
CA LYS A 1262 51.36 -22.25 -50.77
C LYS A 1262 51.80 -20.82 -51.12
N TYR A 1263 53.07 -20.47 -50.90
CA TYR A 1263 53.52 -19.07 -51.12
C TYR A 1263 54.48 -18.95 -52.30
N GLY A 1264 54.74 -20.06 -53.02
CA GLY A 1264 55.71 -20.03 -54.13
C GLY A 1264 57.09 -19.62 -53.67
N VAL A 1265 57.60 -20.23 -52.59
CA VAL A 1265 58.91 -19.86 -52.05
C VAL A 1265 59.77 -21.10 -51.93
N ASP A 1266 61.04 -20.99 -52.34
CA ASP A 1266 62.04 -22.03 -52.16
C ASP A 1266 63.24 -21.44 -51.43
N LEU A 1267 63.88 -22.26 -50.60
CA LEU A 1267 65.03 -21.79 -49.84
C LEU A 1267 66.29 -21.81 -50.69
N ASN A 1268 67.13 -20.79 -50.51
CA ASN A 1268 68.40 -20.70 -51.23
C ASN A 1268 69.33 -21.85 -50.85
N CYS A 1269 69.41 -22.17 -49.57
CA CYS A 1269 70.20 -23.28 -49.08
C CYS A 1269 69.30 -24.14 -48.21
N LYS A 1270 68.68 -25.15 -48.80
CA LYS A 1270 67.69 -25.96 -48.09
C LYS A 1270 68.31 -26.91 -47.07
N GLN A 1271 69.63 -26.93 -46.92
CA GLN A 1271 70.32 -27.85 -46.03
C GLN A 1271 70.41 -27.33 -44.60
N GLN A 1272 70.01 -26.09 -44.35
CA GLN A 1272 70.15 -25.51 -43.03
C GLN A 1272 69.12 -26.12 -42.07
N PRO A 1273 69.39 -26.11 -40.76
CA PRO A 1273 68.47 -26.76 -39.81
C PRO A 1273 67.13 -26.06 -39.70
N LEU A 1274 66.14 -26.80 -39.23
CA LEU A 1274 64.78 -26.32 -39.13
C LEU A 1274 64.48 -25.82 -37.72
N ILE A 1275 63.85 -24.65 -37.64
CA ILE A 1275 63.60 -24.01 -36.35
C ILE A 1275 62.52 -24.76 -35.60
N LYS A 1276 62.85 -25.24 -34.39
CA LYS A 1276 61.80 -25.72 -33.50
C LYS A 1276 60.90 -24.55 -33.11
N GLY A 1277 59.67 -24.57 -33.62
CA GLY A 1277 58.79 -23.41 -33.49
C GLY A 1277 58.21 -23.28 -32.09
N ARG A 1278 58.13 -22.06 -31.60
CA ARG A 1278 57.51 -21.78 -30.32
C ARG A 1278 56.57 -20.59 -30.47
N GLY A 1279 55.38 -20.74 -29.90
CA GLY A 1279 54.31 -19.79 -30.13
C GLY A 1279 54.14 -18.76 -29.05
N VAL A 1280 54.16 -17.48 -29.44
CA VAL A 1280 53.98 -16.40 -28.48
C VAL A 1280 52.52 -15.99 -28.41
N SER A 1281 51.67 -16.62 -29.22
CA SER A 1281 50.29 -16.14 -29.40
C SER A 1281 49.45 -16.39 -28.15
N TYR A 1282 48.41 -15.57 -27.99
CA TYR A 1282 47.49 -15.69 -26.86
C TYR A 1282 46.05 -15.74 -27.34
N VAL A 1300 51.99 -32.97 -25.13
CA VAL A 1300 51.30 -31.83 -25.71
C VAL A 1300 52.30 -30.90 -26.35
N LEU A 1301 53.58 -31.12 -26.05
CA LEU A 1301 54.64 -30.31 -26.63
C LEU A 1301 54.90 -30.71 -28.08
N ASP A 1302 54.37 -31.86 -28.49
CA ASP A 1302 54.54 -32.34 -29.85
C ASP A 1302 53.93 -31.38 -30.87
N LYS A 1303 52.78 -30.80 -30.53
CA LYS A 1303 52.13 -29.86 -31.44
C LYS A 1303 52.96 -28.59 -31.58
N THR A 1304 53.70 -28.22 -30.54
CA THR A 1304 54.65 -27.13 -30.65
C THR A 1304 55.83 -27.52 -31.53
N TYR A 1305 56.30 -28.77 -31.38
CA TYR A 1305 57.43 -29.21 -32.17
C TYR A 1305 57.06 -29.44 -33.64
N TYR A 1306 55.76 -29.49 -33.91
CA TYR A 1306 55.25 -29.67 -35.30
C TYR A 1306 55.75 -28.51 -36.17
N VAL A 1307 55.53 -27.27 -35.73
CA VAL A 1307 55.96 -26.10 -36.52
C VAL A 1307 57.48 -26.16 -36.71
N PHE A 1308 57.97 -26.00 -37.94
CA PHE A 1308 59.43 -26.02 -38.23
C PHE A 1308 59.70 -24.88 -39.22
N LEU A 1309 60.66 -23.99 -38.91
CA LEU A 1309 60.83 -22.82 -39.82
C LEU A 1309 62.21 -22.78 -40.50
N PRO A 1310 62.35 -22.17 -41.70
CA PRO A 1310 63.67 -22.00 -42.37
C PRO A 1310 64.28 -20.63 -42.01
N PRO A 1311 65.60 -20.48 -41.69
CA PRO A 1311 66.10 -19.18 -41.22
C PRO A 1311 66.02 -18.05 -42.24
N GLU A 1312 66.44 -18.28 -43.49
CA GLU A 1312 66.44 -17.20 -44.46
C GLU A 1312 65.03 -16.84 -44.90
N LEU A 1313 64.16 -17.86 -44.97
CA LEU A 1313 62.78 -17.64 -45.46
C LEU A 1313 62.01 -16.84 -44.41
N CYS A 1314 62.70 -16.44 -43.34
CA CYS A 1314 62.05 -15.64 -42.27
C CYS A 1314 62.88 -14.41 -41.96
N VAL A 1315 62.26 -13.23 -41.92
CA VAL A 1315 63.02 -12.01 -41.51
C VAL A 1315 62.96 -11.93 -39.99
N VAL A 1316 64.08 -12.19 -39.30
CA VAL A 1316 64.10 -12.10 -37.85
C VAL A 1316 63.43 -10.82 -37.38
N HIS A 1317 62.73 -10.88 -36.25
CA HIS A 1317 62.36 -9.68 -35.53
C HIS A 1317 63.16 -9.65 -34.23
N PRO A 1318 63.96 -8.62 -34.00
CA PRO A 1318 65.13 -8.75 -33.10
C PRO A 1318 64.87 -8.62 -31.60
N LEU A 1319 64.54 -9.72 -30.91
CA LEU A 1319 64.57 -9.67 -29.45
C LEU A 1319 64.98 -11.01 -28.85
N SER A 1320 65.76 -10.93 -27.78
CA SER A 1320 66.00 -12.07 -26.92
C SER A 1320 64.69 -12.51 -26.28
N GLY A 1321 64.50 -13.82 -26.22
CA GLY A 1321 63.25 -14.36 -25.72
C GLY A 1321 63.03 -14.08 -24.25
N SER A 1322 64.10 -13.88 -23.49
CA SER A 1322 63.93 -13.49 -22.10
C SER A 1322 63.39 -12.07 -22.01
N LEU A 1323 63.85 -11.19 -22.88
CA LEU A 1323 63.29 -9.85 -22.91
C LEU A 1323 61.89 -9.88 -23.52
N ILE A 1324 61.61 -10.88 -24.36
CA ILE A 1324 60.25 -11.13 -24.80
C ILE A 1324 59.36 -11.45 -23.60
N ARG A 1325 59.83 -12.34 -22.72
CA ARG A 1325 59.13 -12.64 -21.47
C ARG A 1325 58.84 -11.37 -20.68
N GLY A 1326 59.89 -10.58 -20.44
CA GLY A 1326 59.74 -9.38 -19.64
C GLY A 1326 58.78 -8.38 -20.25
N ALA A 1327 58.87 -8.20 -21.57
CA ALA A 1327 58.02 -7.24 -22.25
C ALA A 1327 56.56 -7.65 -22.21
N GLN A 1328 56.28 -8.94 -22.40
CA GLN A 1328 54.89 -9.36 -22.35
C GLN A 1328 54.41 -9.46 -20.91
N ARG A 1329 55.33 -9.49 -19.96
CA ARG A 1329 54.92 -9.46 -18.56
C ARG A 1329 54.78 -8.04 -18.02
N LEU A 1330 55.26 -7.04 -18.75
CA LEU A 1330 55.07 -5.64 -18.35
C LEU A 1330 53.62 -5.18 -18.06
N PRO A 1331 52.57 -5.56 -18.83
CA PRO A 1331 51.27 -4.87 -18.64
C PRO A 1331 50.61 -5.08 -17.28
N SER A 1332 50.68 -6.31 -16.73
CA SER A 1332 50.14 -6.52 -15.39
C SER A 1332 50.89 -5.71 -14.36
N ILE A 1333 52.17 -5.48 -14.60
CA ILE A 1333 52.95 -4.61 -13.74
C ILE A 1333 52.48 -3.18 -13.89
N MET A 1334 52.03 -2.80 -15.08
CA MET A 1334 51.49 -1.46 -15.24
C MET A 1334 50.15 -1.32 -14.51
N ARG A 1335 49.36 -2.39 -14.51
CA ARG A 1335 48.17 -2.41 -13.67
C ARG A 1335 48.53 -2.32 -12.20
N ARG A 1336 49.63 -2.96 -11.82
CA ARG A 1336 50.13 -2.83 -10.45
C ARG A 1336 50.60 -1.42 -10.16
N VAL A 1337 51.20 -0.78 -11.17
CA VAL A 1337 51.72 0.58 -11.02
C VAL A 1337 50.59 1.57 -10.84
N GLU A 1338 49.54 1.42 -11.64
CA GLU A 1338 48.38 2.31 -11.51
C GLU A 1338 47.67 2.05 -10.19
N SER A 1339 47.70 0.80 -9.71
CA SER A 1339 47.22 0.49 -8.37
C SER A 1339 48.00 1.25 -7.31
N MET A 1340 49.32 1.31 -7.46
CA MET A 1340 50.12 1.92 -6.41
C MET A 1340 50.12 3.43 -6.50
N LEU A 1341 49.85 3.99 -7.69
CA LEU A 1341 49.65 5.43 -7.74
C LEU A 1341 48.30 5.83 -7.17
N LEU A 1342 47.27 5.00 -7.39
CA LEU A 1342 46.04 5.22 -6.67
C LEU A 1342 46.25 5.06 -5.17
N ALA A 1343 47.15 4.16 -4.79
CA ALA A 1343 47.57 4.06 -3.40
C ALA A 1343 48.34 5.30 -2.96
N VAL A 1344 49.03 5.97 -3.88
CA VAL A 1344 49.67 7.24 -3.54
C VAL A 1344 48.60 8.28 -3.23
N GLN A 1345 47.52 8.28 -4.01
CA GLN A 1345 46.45 9.24 -3.77
C GLN A 1345 45.62 8.89 -2.54
N LEU A 1346 45.52 7.60 -2.22
CA LEU A 1346 44.50 7.17 -1.28
C LEU A 1346 45.09 6.74 0.06
N LYS A 1347 46.25 6.09 0.05
CA LYS A 1347 47.07 5.99 1.26
C LYS A 1347 47.33 7.37 1.84
N ASN A 1348 47.41 8.39 0.98
CA ASN A 1348 47.18 9.78 1.36
C ASN A 1348 45.69 10.02 1.58
N LEU A 1349 45.18 9.44 2.65
CA LEU A 1349 43.80 9.68 3.03
C LEU A 1349 43.73 10.89 3.95
N ILE A 1350 42.50 11.24 4.36
CA ILE A 1350 42.32 12.22 5.42
C ILE A 1350 43.03 11.77 6.68
N SER A 1351 42.60 10.64 7.25
CA SER A 1351 43.31 9.98 8.33
C SER A 1351 43.41 8.52 7.95
N TYR A 1352 44.45 7.85 8.40
CA TYR A 1352 44.62 6.43 8.09
C TYR A 1352 45.50 5.80 9.15
N PRO A 1353 44.97 4.89 9.96
CA PRO A 1353 45.84 4.18 10.91
C PRO A 1353 46.86 3.27 10.24
N ILE A 1354 46.42 2.38 9.34
CA ILE A 1354 47.36 1.52 8.66
C ILE A 1354 47.33 1.87 7.17
N PRO A 1355 48.37 1.49 6.41
CA PRO A 1355 48.34 1.72 4.96
C PRO A 1355 47.20 0.99 4.29
N THR A 1356 46.71 1.58 3.20
CA THR A 1356 45.49 1.08 2.59
C THR A 1356 45.83 -0.01 1.59
N SER A 1357 46.62 -0.99 2.02
CA SER A 1357 47.08 -2.03 1.11
C SER A 1357 45.97 -2.99 0.78
N LYS A 1358 44.98 -3.09 1.66
CA LYS A 1358 43.85 -3.98 1.43
C LYS A 1358 42.67 -3.21 0.87
N ILE A 1359 42.69 -1.89 1.01
CA ILE A 1359 41.76 -1.04 0.28
C ILE A 1359 42.01 -1.15 -1.21
N LEU A 1360 43.25 -1.50 -1.59
CA LEU A 1360 43.53 -1.88 -2.96
C LEU A 1360 42.63 -3.02 -3.43
N GLU A 1361 42.44 -4.04 -2.58
CA GLU A 1361 41.49 -5.10 -2.92
C GLU A 1361 40.06 -4.61 -2.80
N ALA A 1362 39.82 -3.61 -1.95
CA ALA A 1362 38.44 -3.11 -1.75
C ALA A 1362 38.03 -2.26 -2.96
N LEU A 1363 38.96 -1.49 -3.53
CA LEU A 1363 38.66 -0.62 -4.70
C LEU A 1363 38.27 -1.49 -5.90
N THR A 1364 38.94 -2.63 -6.08
CA THR A 1364 38.68 -3.48 -7.28
C THR A 1364 37.23 -3.99 -7.25
N ALA A 1365 36.58 -4.05 -8.42
CA ALA A 1365 35.17 -4.51 -8.52
C ALA A 1365 35.09 -6.01 -8.24
N ALA A 1366 33.95 -6.48 -7.73
CA ALA A 1366 33.80 -7.91 -7.38
C ALA A 1366 33.91 -8.77 -8.65
N SER A 1367 34.67 -9.88 -8.57
CA SER A 1367 34.78 -10.82 -9.72
C SER A 1367 35.23 -10.08 -11.00
N CYS A 1368 36.16 -9.14 -10.88
CA CYS A 1368 36.68 -8.42 -12.07
C CYS A 1368 38.19 -8.63 -12.16
N GLN A 1369 38.71 -9.07 -13.31
CA GLN A 1369 40.17 -9.23 -13.52
C GLN A 1369 40.67 -10.40 -12.66
N GLU A 1370 39.83 -11.40 -12.39
CA GLU A 1370 40.18 -12.60 -11.59
C GLU A 1370 40.52 -12.23 -10.15
N THR A 1371 40.54 -10.93 -9.81
CA THR A 1371 41.01 -10.52 -8.46
C THR A 1371 39.92 -10.71 -7.38
N PHE A 1372 40.24 -10.38 -6.13
CA PHE A 1372 39.30 -10.56 -5.00
C PHE A 1372 38.20 -9.49 -4.99
N CYS A 1373 37.08 -9.77 -4.31
CA CYS A 1373 35.94 -8.81 -4.24
C CYS A 1373 36.14 -7.85 -3.05
N TYR A 1374 35.06 -7.25 -2.55
CA TYR A 1374 35.18 -6.35 -1.42
C TYR A 1374 34.09 -6.58 -0.39
N GLU A 1375 33.49 -7.77 -0.36
CA GLU A 1375 32.12 -7.86 0.14
C GLU A 1375 32.08 -8.08 1.64
N ARG A 1376 33.17 -8.61 2.21
CA ARG A 1376 33.24 -8.69 3.67
C ARG A 1376 33.14 -7.32 4.29
N ALA A 1377 34.03 -6.41 3.88
CA ALA A 1377 34.00 -5.05 4.39
C ALA A 1377 32.74 -4.33 3.94
N GLU A 1378 32.17 -4.72 2.79
CA GLU A 1378 30.95 -4.10 2.32
C GLU A 1378 29.78 -4.40 3.24
N LEU A 1379 29.51 -5.68 3.51
CA LEU A 1379 28.39 -6.00 4.38
C LEU A 1379 28.66 -5.55 5.80
N LEU A 1380 29.94 -5.53 6.19
CA LEU A 1380 30.26 -4.95 7.49
C LEU A 1380 29.91 -3.47 7.53
N GLY A 1381 30.20 -2.75 6.45
CA GLY A 1381 29.84 -1.34 6.39
C GLY A 1381 28.34 -1.14 6.36
N ASP A 1382 27.62 -2.08 5.75
CA ASP A 1382 26.16 -2.02 5.76
C ASP A 1382 25.62 -2.23 7.17
N ALA A 1383 26.16 -3.20 7.88
CA ALA A 1383 25.70 -3.46 9.24
C ALA A 1383 26.00 -2.28 10.14
N TYR A 1384 27.21 -1.71 10.01
CA TYR A 1384 27.52 -0.52 10.78
C TYR A 1384 26.64 0.64 10.37
N LEU A 1385 26.30 0.72 9.08
CA LEU A 1385 25.38 1.74 8.60
C LEU A 1385 24.07 1.67 9.36
N LYS A 1386 23.49 0.47 9.42
CA LYS A 1386 22.21 0.30 10.10
C LYS A 1386 22.36 0.58 11.60
N TRP A 1387 23.46 0.11 12.19
CA TRP A 1387 23.67 0.29 13.61
C TRP A 1387 23.85 1.76 13.98
N VAL A 1388 24.64 2.49 13.20
CA VAL A 1388 24.92 3.88 13.55
C VAL A 1388 23.76 4.77 13.16
N VAL A 1389 22.96 4.38 12.16
CA VAL A 1389 21.80 5.20 11.84
C VAL A 1389 20.75 5.03 12.92
N SER A 1390 20.63 3.81 13.48
CA SER A 1390 19.79 3.62 14.65
C SER A 1390 20.33 4.42 15.83
N ARG A 1391 21.66 4.44 15.96
CA ARG A 1391 22.31 5.15 17.06
C ARG A 1391 21.97 6.63 17.02
N PHE A 1392 22.32 7.30 15.91
CA PHE A 1392 22.02 8.72 15.77
C PHE A 1392 20.52 9.00 15.76
N LEU A 1393 19.71 8.05 15.28
CA LEU A 1393 18.29 8.32 15.20
C LEU A 1393 17.65 8.32 16.58
N PHE A 1394 18.03 7.37 17.44
CA PHE A 1394 17.53 7.43 18.80
C PHE A 1394 18.19 8.57 19.56
N LEU A 1395 19.39 8.97 19.16
CA LEU A 1395 19.95 10.19 19.70
C LEU A 1395 19.09 11.39 19.37
N LYS A 1396 18.48 11.40 18.18
CA LYS A 1396 17.59 12.49 17.82
C LYS A 1396 16.27 12.38 18.59
N TYR A 1397 15.54 11.30 18.38
CA TYR A 1397 14.21 11.17 18.94
C TYR A 1397 14.15 9.97 19.88
N PRO A 1398 14.34 10.18 21.17
CA PRO A 1398 13.74 9.24 22.13
C PRO A 1398 12.24 9.47 22.25
N GLN A 1399 11.74 10.59 21.73
CA GLN A 1399 10.33 10.90 21.63
C GLN A 1399 9.71 10.37 20.35
N LYS A 1400 10.39 9.42 19.71
CA LYS A 1400 10.06 9.02 18.34
C LYS A 1400 8.72 8.35 18.24
N HIS A 1401 8.22 8.24 17.02
CA HIS A 1401 7.27 7.19 16.67
C HIS A 1401 8.04 6.07 15.97
N GLU A 1402 7.60 4.84 16.20
CA GLU A 1402 8.39 3.69 15.79
C GLU A 1402 8.43 3.53 14.29
N GLY A 1403 7.28 3.32 13.66
CA GLY A 1403 7.25 3.12 12.22
C GLY A 1403 7.61 4.38 11.47
N GLN A 1404 7.32 5.54 12.04
CA GLN A 1404 7.71 6.80 11.44
C GLN A 1404 9.23 6.90 11.37
N LEU A 1405 9.91 6.58 12.47
CA LEU A 1405 11.36 6.68 12.46
C LEU A 1405 11.96 5.51 11.70
N THR A 1406 11.20 4.44 11.54
CA THR A 1406 11.58 3.40 10.60
C THR A 1406 11.63 3.95 9.19
N ARG A 1407 10.59 4.70 8.79
CA ARG A 1407 10.60 5.39 7.51
C ARG A 1407 11.79 6.33 7.40
N MET A 1408 12.10 7.02 8.50
CA MET A 1408 13.22 7.95 8.49
C MET A 1408 14.54 7.20 8.30
N ARG A 1409 14.67 6.03 8.91
CA ARG A 1409 15.86 5.22 8.70
C ARG A 1409 15.96 4.79 7.26
N GLN A 1410 14.86 4.28 6.70
CA GLN A 1410 14.85 3.87 5.29
C GLN A 1410 15.19 5.02 4.37
N GLN A 1411 14.76 6.23 4.75
CA GLN A 1411 15.21 7.43 4.04
C GLN A 1411 16.71 7.58 4.15
N MET A 1412 17.26 7.36 5.34
CA MET A 1412 18.70 7.51 5.51
C MET A 1412 19.46 6.39 4.83
N VAL A 1413 18.89 5.19 4.79
CA VAL A 1413 19.52 4.04 4.16
C VAL A 1413 19.10 3.96 2.67
N SER A 1414 18.56 5.04 2.14
CA SER A 1414 18.39 5.14 0.70
C SER A 1414 19.74 5.18 0.02
N ASN A 1415 19.86 4.44 -1.09
CA ASN A 1415 21.13 4.29 -1.77
C ASN A 1415 21.60 5.59 -2.37
N MET A 1416 20.67 6.43 -2.80
CA MET A 1416 21.04 7.65 -3.49
C MET A 1416 21.70 8.64 -2.54
N VAL A 1417 21.29 8.64 -1.28
CA VAL A 1417 21.91 9.52 -0.28
C VAL A 1417 23.37 9.15 -0.08
N LEU A 1418 23.63 7.84 0.02
CA LEU A 1418 25.03 7.35 0.15
C LEU A 1418 25.73 7.59 -1.19
N TYR A 1419 25.00 7.56 -2.29
CA TYR A 1419 25.57 7.85 -3.64
C TYR A 1419 26.04 9.31 -3.64
N GLN A 1420 25.34 10.19 -2.91
CA GLN A 1420 25.71 11.63 -2.88
C GLN A 1420 26.90 11.79 -1.93
N PHE A 1421 26.97 11.00 -0.85
CA PHE A 1421 28.16 11.02 -0.01
C PHE A 1421 29.39 10.59 -0.80
N ALA A 1422 29.21 9.62 -1.69
CA ALA A 1422 30.27 9.25 -2.61
C ALA A 1422 30.63 10.40 -3.52
N LEU A 1423 29.62 11.16 -3.98
CA LEU A 1423 29.88 12.29 -4.86
C LEU A 1423 30.65 13.38 -4.14
N VAL A 1424 30.32 13.63 -2.87
CA VAL A 1424 31.05 14.66 -2.13
C VAL A 1424 32.42 14.15 -1.74
N LYS A 1425 32.64 12.83 -1.78
CA LYS A 1425 34.02 12.38 -1.84
C LYS A 1425 34.53 12.38 -3.27
N GLY A 1426 33.91 11.60 -4.15
CA GLY A 1426 34.47 11.39 -5.48
C GLY A 1426 35.38 10.19 -5.60
N LEU A 1427 34.91 9.03 -5.12
CA LEU A 1427 35.70 7.79 -5.35
C LEU A 1427 35.61 7.52 -6.85
N GLN A 1428 34.86 8.37 -7.56
CA GLN A 1428 34.78 8.24 -9.05
C GLN A 1428 36.18 8.45 -9.60
N SER A 1429 36.97 9.34 -9.00
CA SER A 1429 38.31 9.66 -9.57
C SER A 1429 39.33 8.62 -9.13
N TYR A 1430 38.89 7.54 -8.47
CA TYR A 1430 39.86 6.49 -8.17
C TYR A 1430 39.48 5.19 -8.88
N ARG A 1495 29.30 7.35 -15.45
CA ARG A 1495 28.54 6.54 -16.44
C ARG A 1495 27.56 5.69 -15.63
N VAL A 1496 27.24 6.12 -14.40
CA VAL A 1496 26.39 5.26 -13.52
C VAL A 1496 24.94 5.34 -13.99
N LEU A 1497 24.39 4.20 -14.43
CA LEU A 1497 22.97 4.14 -14.86
C LEU A 1497 22.04 4.30 -13.67
N SER A 1498 22.46 5.00 -12.60
CA SER A 1498 21.56 5.22 -11.46
C SER A 1498 21.13 3.92 -10.78
N SER A 1499 21.64 2.77 -11.21
CA SER A 1499 21.41 1.49 -10.54
C SER A 1499 22.74 0.76 -10.48
N LYS A 1500 23.52 1.02 -9.43
CA LYS A 1500 24.90 0.59 -9.40
C LYS A 1500 25.28 0.10 -8.01
N THR A 1501 26.30 -0.77 -8.02
CA THR A 1501 26.75 -1.43 -6.76
C THR A 1501 27.85 -0.56 -6.17
N LEU A 1502 27.99 0.67 -6.67
CA LEU A 1502 29.02 1.61 -6.15
C LEU A 1502 28.73 1.87 -4.66
N ALA A 1503 27.46 1.94 -4.27
CA ALA A 1503 27.13 2.11 -2.84
C ALA A 1503 27.76 0.97 -2.02
N ASP A 1504 27.86 -0.23 -2.58
CA ASP A 1504 28.45 -1.36 -1.89
C ASP A 1504 29.95 -1.19 -1.78
N VAL A 1505 30.55 -0.54 -2.76
CA VAL A 1505 31.97 -0.21 -2.66
C VAL A 1505 32.20 0.79 -1.54
N VAL A 1506 31.30 1.77 -1.40
CA VAL A 1506 31.38 2.70 -0.29
C VAL A 1506 31.27 1.97 1.04
N GLU A 1507 30.36 1.00 1.10
CA GLU A 1507 30.24 0.15 2.28
C GLU A 1507 31.52 -0.60 2.56
N ALA A 1508 32.19 -1.04 1.50
CA ALA A 1508 33.49 -1.68 1.67
C ALA A 1508 34.48 -0.73 2.30
N LEU A 1509 34.50 0.52 1.83
CA LEU A 1509 35.35 1.54 2.45
C LEU A 1509 35.04 1.67 3.93
N ILE A 1510 33.76 1.68 4.27
CA ILE A 1510 33.34 1.84 5.65
C ILE A 1510 33.85 0.69 6.51
N GLY A 1511 33.59 -0.55 6.07
CA GLY A 1511 34.02 -1.70 6.84
C GLY A 1511 35.52 -1.76 6.98
N VAL A 1512 36.26 -1.51 5.89
CA VAL A 1512 37.70 -1.68 5.95
C VAL A 1512 38.33 -0.55 6.75
N TYR A 1513 37.68 0.62 6.81
CA TYR A 1513 38.28 1.69 7.58
C TYR A 1513 37.89 1.59 9.05
N TYR A 1514 36.84 0.84 9.35
CA TYR A 1514 36.75 0.34 10.71
C TYR A 1514 37.91 -0.59 11.01
N VAL A 1515 38.19 -1.52 10.09
CA VAL A 1515 39.17 -2.57 10.36
C VAL A 1515 40.58 -1.98 10.50
N GLU A 1516 40.87 -0.90 9.76
CA GLU A 1516 42.20 -0.28 9.83
C GLU A 1516 42.48 0.29 11.21
N GLY A 1517 41.47 0.87 11.84
CA GLY A 1517 41.65 1.41 13.17
C GLY A 1517 40.53 0.97 14.09
N GLY A 1518 39.86 1.93 14.71
CA GLY A 1518 38.68 1.61 15.47
C GLY A 1518 37.41 1.83 14.67
N LYS A 1519 36.29 1.66 15.36
CA LYS A 1519 35.02 2.15 14.85
C LYS A 1519 35.06 3.67 14.67
N ILE A 1520 35.85 4.34 15.51
CA ILE A 1520 35.77 5.80 15.64
C ILE A 1520 36.36 6.48 14.42
N ALA A 1521 37.48 5.97 13.92
CA ALA A 1521 38.06 6.54 12.71
C ALA A 1521 37.14 6.31 11.51
N ALA A 1522 36.49 5.15 11.48
CA ALA A 1522 35.47 4.91 10.47
C ALA A 1522 34.35 5.94 10.57
N ASN A 1523 33.96 6.27 11.80
CA ASN A 1523 32.95 7.31 12.00
C ASN A 1523 33.47 8.67 11.54
N HIS A 1524 34.77 8.90 11.69
CA HIS A 1524 35.37 10.12 11.16
C HIS A 1524 35.22 10.17 9.66
N LEU A 1525 35.43 9.05 8.98
CA LEU A 1525 35.22 9.06 7.55
C LEU A 1525 33.75 9.19 7.20
N MET A 1526 32.87 8.66 8.04
CA MET A 1526 31.45 8.86 7.83
C MET A 1526 31.10 10.34 7.90
N LYS A 1527 31.55 11.01 8.96
CA LYS A 1527 31.36 12.45 9.06
C LYS A 1527 32.07 13.17 7.94
N TRP A 1528 33.14 12.58 7.42
CA TRP A 1528 33.82 13.13 6.25
C TRP A 1528 32.93 13.10 5.02
N ILE A 1529 32.06 12.09 4.89
CA ILE A 1529 31.15 12.01 3.75
C ILE A 1529 29.68 12.11 4.16
N GLY A 1530 29.24 11.29 5.12
CA GLY A 1530 27.81 11.17 5.35
C GLY A 1530 27.22 12.31 6.15
N ILE A 1531 27.53 12.37 7.44
CA ILE A 1531 26.95 13.40 8.29
C ILE A 1531 27.75 14.68 8.16
N ASP A 1558 7.27 -13.96 36.26
CA ASP A 1558 7.86 -14.29 34.97
C ASP A 1558 9.27 -13.79 34.87
N PHE A 1559 9.53 -12.67 35.55
CA PHE A 1559 10.68 -11.82 35.26
C PHE A 1559 11.99 -12.55 35.46
N VAL A 1560 12.23 -13.04 36.67
CA VAL A 1560 13.40 -13.87 36.91
C VAL A 1560 13.23 -15.22 36.23
N GLY A 1561 11.99 -15.64 36.01
CA GLY A 1561 11.75 -16.88 35.28
C GLY A 1561 12.20 -16.78 33.83
N LEU A 1562 11.79 -15.74 33.12
CA LEU A 1562 12.25 -15.57 31.75
C LEU A 1562 13.72 -15.18 31.73
N GLU A 1563 14.20 -14.57 32.82
CA GLU A 1563 15.60 -14.22 32.95
C GLU A 1563 16.49 -15.46 32.97
N ARG A 1564 16.07 -16.47 33.73
CA ARG A 1564 16.82 -17.72 33.75
C ARG A 1564 16.43 -18.61 32.59
N ALA A 1565 15.31 -18.32 31.93
CA ALA A 1565 15.02 -18.99 30.67
C ALA A 1565 16.00 -18.55 29.60
N LEU A 1566 16.33 -17.26 29.58
CA LEU A 1566 17.46 -16.77 28.80
C LEU A 1566 18.78 -17.11 29.45
N LYS A 1567 18.75 -17.64 30.68
CA LYS A 1567 19.94 -17.95 31.46
C LYS A 1567 20.80 -16.71 31.66
N TYR A 1568 20.25 -15.69 32.32
CA TYR A 1568 20.93 -14.41 32.44
C TYR A 1568 20.45 -13.73 33.73
N GLU A 1569 20.87 -12.49 33.93
CA GLU A 1569 20.54 -11.69 35.09
C GLU A 1569 20.24 -10.27 34.63
N PHE A 1570 19.28 -9.61 35.26
CA PHE A 1570 18.77 -8.32 34.81
C PHE A 1570 18.74 -7.32 35.96
N LYS A 1571 18.95 -6.04 35.63
CA LYS A 1571 19.02 -5.01 36.67
C LYS A 1571 17.73 -4.20 36.76
N GLU A 1572 17.32 -3.55 35.68
CA GLU A 1572 16.24 -2.56 35.71
C GLU A 1572 15.01 -3.15 35.04
N LYS A 1573 14.07 -3.60 35.87
CA LYS A 1573 12.89 -4.30 35.38
C LYS A 1573 11.89 -3.37 34.70
N GLY A 1574 12.11 -2.06 34.70
CA GLY A 1574 11.24 -1.17 33.97
C GLY A 1574 11.35 -1.34 32.47
N LEU A 1575 12.60 -1.45 31.97
CA LEU A 1575 12.80 -1.74 30.56
C LEU A 1575 12.36 -3.15 30.23
N LEU A 1576 12.46 -4.06 31.19
CA LEU A 1576 11.91 -5.39 31.02
C LEU A 1576 10.40 -5.34 30.83
N VAL A 1577 9.73 -4.57 31.67
CA VAL A 1577 8.29 -4.34 31.53
C VAL A 1577 7.99 -3.73 30.17
N GLU A 1578 8.81 -2.77 29.75
CA GLU A 1578 8.68 -2.14 28.45
C GLU A 1578 8.78 -3.16 27.32
N ALA A 1579 9.66 -4.15 27.48
CA ALA A 1579 9.80 -5.18 26.46
C ALA A 1579 8.64 -6.17 26.49
N ILE A 1580 8.11 -6.46 27.67
CA ILE A 1580 7.00 -7.42 27.76
C ILE A 1580 5.70 -6.77 27.33
N THR A 1581 5.52 -5.48 27.62
CA THR A 1581 4.30 -4.80 27.10
C THR A 1581 4.12 -5.16 25.63
N HIS A 1582 2.89 -5.42 25.19
CA HIS A 1582 2.60 -5.86 23.80
C HIS A 1582 1.59 -4.87 23.21
N ALA A 1583 1.49 -4.75 21.88
CA ALA A 1583 0.57 -3.71 21.35
C ALA A 1583 -0.83 -4.00 21.87
N SER A 1584 -1.06 -5.23 22.36
CA SER A 1584 -2.31 -5.54 23.05
C SER A 1584 -1.97 -5.97 24.47
N ARG A 1585 -2.48 -5.23 25.44
CA ARG A 1585 -2.26 -5.58 26.83
C ARG A 1585 -3.58 -5.49 27.59
N PRO A 1586 -3.86 -6.43 28.49
CA PRO A 1586 -5.17 -6.48 29.15
C PRO A 1586 -5.35 -5.32 30.12
N SER A 1587 -6.17 -4.35 29.71
CA SER A 1587 -6.64 -3.21 30.49
C SER A 1587 -5.49 -2.32 30.99
N SER A 1588 -4.27 -2.46 30.48
CA SER A 1588 -3.15 -1.73 31.04
C SER A 1588 -2.29 -1.20 29.90
N GLY A 1589 -1.72 -0.03 30.13
CA GLY A 1589 -0.81 0.57 29.17
C GLY A 1589 0.21 1.48 29.80
N VAL A 1590 1.48 1.20 29.56
CA VAL A 1590 2.57 2.06 30.03
C VAL A 1590 3.50 2.45 28.88
N SER A 1591 3.92 1.48 28.08
CA SER A 1591 4.90 1.72 27.02
C SER A 1591 4.82 0.62 25.97
N CYS A 1592 5.76 0.64 25.03
CA CYS A 1592 5.75 -0.26 23.89
C CYS A 1592 7.12 -0.90 23.71
N TYR A 1593 7.13 -2.13 23.18
CA TYR A 1593 8.37 -2.84 22.90
C TYR A 1593 8.82 -2.72 21.46
N GLN A 1594 8.07 -1.99 20.63
CA GLN A 1594 8.38 -1.93 19.20
C GLN A 1594 9.70 -1.21 18.95
N ARG A 1595 9.95 -0.14 19.71
CA ARG A 1595 11.20 0.60 19.57
C ARG A 1595 12.39 -0.23 20.01
N LEU A 1596 12.24 -0.98 21.11
CA LEU A 1596 13.31 -1.85 21.57
C LEU A 1596 13.57 -2.97 20.56
N GLU A 1597 12.51 -3.47 19.92
CA GLU A 1597 12.68 -4.44 18.86
C GLU A 1597 13.49 -3.85 17.71
N PHE A 1598 13.16 -2.61 17.32
CA PHE A 1598 13.88 -1.90 16.27
C PHE A 1598 15.38 -1.80 16.59
N VAL A 1599 15.70 -1.37 17.80
CA VAL A 1599 17.10 -1.11 18.11
C VAL A 1599 17.87 -2.42 18.34
N GLY A 1600 17.26 -3.41 18.98
CA GLY A 1600 17.92 -4.69 19.11
C GLY A 1600 18.09 -5.39 17.78
N ASP A 1601 17.13 -5.19 16.89
CA ASP A 1601 17.24 -5.61 15.49
C ASP A 1601 18.50 -5.06 14.84
N ALA A 1602 18.68 -3.74 14.91
CA ALA A 1602 19.87 -3.13 14.28
C ALA A 1602 21.16 -3.61 14.94
N VAL A 1603 21.13 -3.74 16.28
CA VAL A 1603 22.33 -4.13 17.02
C VAL A 1603 22.73 -5.56 16.67
N LEU A 1604 21.74 -6.42 16.45
CA LEU A 1604 22.08 -7.81 16.20
C LEU A 1604 22.37 -8.07 14.73
N ASP A 1605 21.81 -7.24 13.85
CA ASP A 1605 22.39 -7.08 12.52
C ASP A 1605 23.89 -6.85 12.61
N HIS A 1606 24.28 -5.79 13.34
CA HIS A 1606 25.69 -5.47 13.56
C HIS A 1606 26.45 -6.65 14.13
N LEU A 1607 25.87 -7.31 15.13
CA LEU A 1607 26.59 -8.33 15.89
C LEU A 1607 26.76 -9.60 15.09
N ILE A 1608 25.69 -10.05 14.43
CA ILE A 1608 25.73 -11.24 13.61
C ILE A 1608 26.67 -11.04 12.44
N THR A 1609 26.62 -9.84 11.82
CA THR A 1609 27.54 -9.54 10.74
C THR A 1609 28.98 -9.52 11.23
N ARG A 1610 29.19 -8.98 12.43
CA ARG A 1610 30.53 -8.93 13.00
C ARG A 1610 31.06 -10.32 13.29
N HIS A 1611 30.21 -11.21 13.80
CA HIS A 1611 30.59 -12.61 13.93
C HIS A 1611 30.91 -13.24 12.59
N LEU A 1612 30.07 -13.02 11.59
CA LEU A 1612 30.21 -13.74 10.33
C LEU A 1612 31.42 -13.25 9.56
N PHE A 1613 31.89 -12.04 9.86
CA PHE A 1613 33.14 -11.60 9.27
C PHE A 1613 34.30 -11.77 10.23
N PHE A 1614 34.00 -12.16 11.47
CA PHE A 1614 35.00 -12.87 12.27
C PHE A 1614 35.03 -14.33 11.89
N THR A 1615 33.90 -14.86 11.44
CA THR A 1615 33.90 -16.17 10.81
C THR A 1615 34.69 -16.09 9.51
N TYR A 1616 35.90 -16.62 9.56
CA TYR A 1616 36.86 -16.46 8.49
C TYR A 1616 36.77 -17.57 7.45
N THR A 1617 35.57 -18.12 7.27
CA THR A 1617 35.38 -19.23 6.34
C THR A 1617 35.73 -18.82 4.92
N SER A 1618 35.50 -17.57 4.56
CA SER A 1618 35.87 -16.99 3.26
C SER A 1618 35.27 -17.79 2.11
N LEU A 1619 33.97 -18.02 2.22
CA LEU A 1619 33.24 -18.88 1.29
C LEU A 1619 33.06 -18.17 -0.05
N PRO A 1620 32.50 -18.85 -1.04
CA PRO A 1620 31.95 -18.16 -2.21
C PRO A 1620 31.02 -17.04 -1.78
N PRO A 1621 31.12 -15.89 -2.44
CA PRO A 1621 30.26 -14.76 -2.04
C PRO A 1621 28.79 -15.03 -2.25
N GLY A 1622 28.45 -15.91 -3.18
CA GLY A 1622 27.12 -16.48 -3.19
C GLY A 1622 26.81 -17.22 -1.91
N ARG A 1623 27.75 -18.03 -1.44
CA ARG A 1623 27.51 -18.80 -0.23
C ARG A 1623 27.58 -17.92 1.01
N LEU A 1624 28.38 -16.87 0.94
CA LEU A 1624 28.34 -15.85 1.99
C LEU A 1624 26.99 -15.15 2.01
N THR A 1625 26.43 -14.91 0.82
CA THR A 1625 25.09 -14.34 0.73
C THR A 1625 24.05 -15.30 1.31
N ASP A 1626 24.25 -16.60 1.07
CA ASP A 1626 23.33 -17.59 1.63
C ASP A 1626 23.39 -17.60 3.14
N LEU A 1627 24.59 -17.52 3.72
CA LEU A 1627 24.67 -17.59 5.17
C LEU A 1627 24.13 -16.33 5.82
N ARG A 1628 24.38 -15.16 5.22
CA ARG A 1628 23.82 -13.94 5.79
C ARG A 1628 22.30 -13.93 5.67
N ALA A 1629 21.78 -14.51 4.59
CA ALA A 1629 20.34 -14.61 4.46
C ALA A 1629 19.77 -15.57 5.49
N ALA A 1630 20.50 -16.66 5.74
CA ALA A 1630 20.09 -17.61 6.77
C ALA A 1630 20.11 -16.96 8.15
N ALA A 1631 20.97 -15.96 8.32
CA ALA A 1631 20.93 -15.18 9.55
C ALA A 1631 19.61 -14.43 9.68
N VAL A 1632 19.20 -13.72 8.63
CA VAL A 1632 17.98 -12.92 8.71
C VAL A 1632 16.75 -13.80 8.50
N ASN A 1633 16.11 -14.17 9.61
CA ASN A 1633 14.89 -14.95 9.60
C ASN A 1633 14.23 -14.84 10.97
N ASN A 1634 13.03 -14.29 11.01
CA ASN A 1634 12.36 -14.12 12.30
C ASN A 1634 11.95 -15.46 12.89
N GLU A 1635 11.81 -16.48 12.05
CA GLU A 1635 11.40 -17.79 12.54
C GLU A 1635 12.42 -18.38 13.49
N ASN A 1636 13.72 -18.28 13.16
CA ASN A 1636 14.70 -18.87 14.04
C ASN A 1636 14.95 -18.00 15.27
N PHE A 1637 14.59 -16.72 15.20
CA PHE A 1637 14.60 -15.92 16.41
C PHE A 1637 13.47 -16.34 17.34
N ALA A 1638 12.32 -16.69 16.76
CA ALA A 1638 11.27 -17.32 17.55
C ALA A 1638 11.69 -18.69 18.05
N ARG A 1639 12.56 -19.37 17.30
CA ARG A 1639 13.10 -20.65 17.76
C ARG A 1639 13.98 -20.46 18.99
N VAL A 1640 14.75 -19.36 19.02
CA VAL A 1640 15.47 -19.03 20.25
C VAL A 1640 14.49 -18.70 21.37
N ALA A 1641 13.40 -18.03 21.02
CA ALA A 1641 12.40 -17.69 22.02
C ALA A 1641 11.78 -18.92 22.66
N VAL A 1642 11.56 -19.99 21.88
CA VAL A 1642 11.05 -21.23 22.47
C VAL A 1642 12.19 -22.09 22.99
N LYS A 1643 13.43 -21.72 22.68
CA LYS A 1643 14.56 -22.24 23.46
C LYS A 1643 14.50 -21.69 24.88
N HIS A 1644 13.84 -20.55 25.05
CA HIS A 1644 13.53 -20.05 26.38
C HIS A 1644 12.03 -20.03 26.70
N LYS A 1645 11.18 -20.39 25.73
CA LYS A 1645 9.72 -20.56 25.91
C LYS A 1645 9.06 -19.31 26.50
N LEU A 1646 9.26 -18.19 25.82
CA LEU A 1646 8.82 -16.89 26.34
C LEU A 1646 7.35 -16.64 26.06
N HIS A 1647 6.71 -17.46 25.23
CA HIS A 1647 5.28 -17.35 25.01
C HIS A 1647 4.52 -17.63 26.30
N LEU A 1648 5.10 -18.45 27.16
CA LEU A 1648 4.57 -18.62 28.50
C LEU A 1648 4.80 -17.39 29.36
N TYR A 1649 5.85 -16.62 29.04
CA TYR A 1649 6.19 -15.46 29.86
C TYR A 1649 5.54 -14.17 29.40
N LEU A 1650 5.10 -14.10 28.15
CA LEU A 1650 4.58 -12.84 27.65
C LEU A 1650 3.17 -12.59 28.16
N ARG A 1651 2.91 -11.34 28.55
CA ARG A 1651 1.57 -10.89 28.87
C ARG A 1651 1.04 -10.12 27.68
N HIS A 1652 -0.26 -10.22 27.44
CA HIS A 1652 -0.85 -9.80 26.18
C HIS A 1652 -2.36 -9.74 26.31
N GLY A 1653 -2.95 -8.74 25.66
CA GLY A 1653 -4.39 -8.59 25.73
C GLY A 1653 -5.15 -9.60 24.88
N SER A 1654 -4.52 -10.07 23.81
CA SER A 1654 -5.22 -10.86 22.79
C SER A 1654 -5.00 -12.36 23.06
N SER A 1655 -6.10 -13.11 23.14
CA SER A 1655 -6.01 -14.54 23.36
C SER A 1655 -5.92 -15.30 22.04
N ALA A 1656 -6.47 -14.70 20.98
CA ALA A 1656 -6.37 -15.32 19.64
C ALA A 1656 -4.93 -15.20 19.15
N LEU A 1657 -4.21 -14.14 19.54
CA LEU A 1657 -2.78 -14.02 19.18
C LEU A 1657 -2.03 -15.16 19.89
N GLU A 1658 -2.37 -15.43 21.15
CA GLU A 1658 -1.74 -16.55 21.89
C GLU A 1658 -2.11 -17.87 21.18
N LYS A 1659 -3.35 -17.96 20.70
CA LYS A 1659 -3.77 -19.19 19.96
C LYS A 1659 -2.91 -19.35 18.71
N GLN A 1660 -2.64 -18.25 18.00
CA GLN A 1660 -1.75 -18.31 16.80
C GLN A 1660 -0.34 -18.71 17.25
N ILE A 1661 0.12 -18.18 18.39
CA ILE A 1661 1.48 -18.50 18.91
C ILE A 1661 1.50 -19.98 19.34
N ARG A 1662 0.44 -20.47 19.98
CA ARG A 1662 0.44 -21.85 20.45
C ARG A 1662 0.51 -22.81 19.27
N GLU A 1663 -0.12 -22.46 18.15
CA GLU A 1663 0.10 -23.21 16.91
C GLU A 1663 1.57 -23.23 16.54
N PHE A 1664 2.19 -22.05 16.52
CA PHE A 1664 3.57 -21.96 16.05
C PHE A 1664 4.53 -22.62 17.04
N VAL A 1665 4.13 -22.69 18.32
CA VAL A 1665 4.91 -23.42 19.33
C VAL A 1665 4.77 -24.91 19.12
N LYS A 1666 3.56 -25.36 18.77
CA LYS A 1666 3.36 -26.78 18.43
C LYS A 1666 4.14 -27.15 17.18
N GLU A 1667 4.41 -26.18 16.31
CA GLU A 1667 5.30 -26.43 15.18
C GLU A 1667 6.71 -26.78 15.66
N VAL A 1668 7.14 -26.21 16.79
CA VAL A 1668 8.53 -26.37 17.23
C VAL A 1668 8.63 -27.05 18.60
N GLN A 1669 8.90 -28.35 18.58
CA GLN A 1669 9.12 -29.08 19.84
C GLN A 1669 10.37 -29.93 19.76
N LYS A 1689 6.44 -15.87 15.62
CA LYS A 1689 6.33 -14.65 14.83
C LYS A 1689 6.60 -13.42 15.69
N VAL A 1690 5.80 -13.24 16.75
CA VAL A 1690 6.02 -12.13 17.68
C VAL A 1690 7.09 -12.53 18.70
N LEU A 1691 7.43 -13.81 18.74
CA LEU A 1691 8.40 -14.29 19.72
C LEU A 1691 9.80 -13.81 19.40
N GLY A 1692 10.22 -13.92 18.14
CA GLY A 1692 11.47 -13.29 17.75
C GLY A 1692 11.44 -11.78 17.90
N ASP A 1693 10.24 -11.20 17.77
CA ASP A 1693 10.10 -9.76 17.94
C ASP A 1693 10.38 -9.34 19.38
N ILE A 1694 9.82 -10.06 20.33
CA ILE A 1694 10.11 -9.72 21.73
C ILE A 1694 11.52 -10.11 22.09
N VAL A 1695 12.11 -11.08 21.37
CA VAL A 1695 13.54 -11.35 21.50
C VAL A 1695 14.36 -10.11 21.14
N GLU A 1696 14.03 -9.47 20.01
CA GLU A 1696 14.75 -8.26 19.63
C GLU A 1696 14.47 -7.12 20.60
N SER A 1697 13.29 -7.12 21.23
CA SER A 1697 13.03 -6.10 22.24
C SER A 1697 13.95 -6.30 23.44
N ILE A 1698 14.21 -7.56 23.81
CA ILE A 1698 15.18 -7.84 24.87
C ILE A 1698 16.56 -7.38 24.44
N ALA A 1699 16.93 -7.65 23.18
CA ALA A 1699 18.21 -7.21 22.66
C ALA A 1699 18.38 -5.71 22.79
N GLY A 1700 17.35 -4.97 22.39
CA GLY A 1700 17.39 -3.53 22.54
C GLY A 1700 17.37 -3.09 23.99
N ALA A 1701 16.65 -3.83 24.83
CA ALA A 1701 16.58 -3.49 26.25
C ALA A 1701 17.94 -3.57 26.90
N ILE A 1702 18.70 -4.62 26.60
CA ILE A 1702 20.04 -4.71 27.15
C ILE A 1702 20.97 -3.71 26.46
N PHE A 1703 20.67 -3.36 25.20
CA PHE A 1703 21.41 -2.27 24.57
C PHE A 1703 21.24 -0.96 25.33
N LEU A 1704 20.04 -0.73 25.86
CA LEU A 1704 19.85 0.38 26.79
C LEU A 1704 20.62 0.15 28.08
N ASP A 1705 20.54 -1.07 28.62
CA ASP A 1705 21.21 -1.38 29.88
C ASP A 1705 22.71 -1.25 29.76
N SER A 1706 23.27 -1.65 28.62
CA SER A 1706 24.70 -1.64 28.43
C SER A 1706 25.24 -0.24 28.13
N GLY A 1707 24.37 0.76 28.01
CA GLY A 1707 24.83 2.08 27.61
C GLY A 1707 25.30 2.03 26.18
N LYS A 1708 24.48 1.39 25.33
CA LYS A 1708 24.72 1.24 23.89
C LYS A 1708 26.01 0.46 23.61
N ASP A 1709 26.19 -0.63 24.37
CA ASP A 1709 27.25 -1.60 24.14
C ASP A 1709 26.61 -2.88 23.62
N THR A 1710 27.32 -3.60 22.77
CA THR A 1710 26.78 -4.82 22.18
C THR A 1710 27.38 -6.07 22.83
N THR A 1711 28.54 -5.93 23.47
CA THR A 1711 29.38 -7.07 23.77
C THR A 1711 28.82 -7.91 24.91
N ALA A 1712 28.25 -7.27 25.93
CA ALA A 1712 27.86 -7.98 27.14
C ALA A 1712 26.77 -9.01 26.86
N ALA A 1713 25.64 -8.57 26.30
CA ALA A 1713 24.60 -9.51 25.93
C ALA A 1713 24.98 -10.30 24.70
N TRP A 1714 25.93 -9.78 23.91
CA TRP A 1714 26.47 -10.55 22.80
C TRP A 1714 27.08 -11.86 23.29
N LYS A 1715 27.85 -11.78 24.38
CA LYS A 1715 28.41 -12.96 25.03
C LYS A 1715 27.33 -13.94 25.43
N VAL A 1716 26.20 -13.42 25.92
CA VAL A 1716 25.14 -14.27 26.42
C VAL A 1716 24.44 -14.98 25.27
N PHE A 1717 24.26 -14.28 24.15
CA PHE A 1717 23.45 -14.84 23.08
C PHE A 1717 24.26 -15.75 22.18
N GLN A 1718 25.54 -15.46 21.98
CA GLN A 1718 26.32 -16.22 21.00
C GLN A 1718 26.39 -17.75 21.20
N PRO A 1719 26.43 -18.33 22.41
CA PRO A 1719 26.52 -19.79 22.46
C PRO A 1719 25.23 -20.47 22.04
N LEU A 1720 24.09 -19.93 22.46
CA LEU A 1720 22.82 -20.46 21.99
C LEU A 1720 22.58 -20.06 20.54
N LEU A 1721 23.23 -18.99 20.09
CA LEU A 1721 23.09 -18.57 18.69
C LEU A 1721 23.80 -19.53 17.75
N GLN A 1722 25.02 -19.93 18.10
CA GLN A 1722 25.93 -20.53 17.13
C GLN A 1722 25.51 -21.87 16.55
N PRO A 1723 25.20 -22.93 17.33
CA PRO A 1723 25.43 -24.28 16.80
C PRO A 1723 24.43 -24.75 15.74
N MET A 1724 23.49 -23.91 15.31
CA MET A 1724 22.52 -24.37 14.31
C MET A 1724 22.85 -23.83 12.92
N VAL A 1725 23.84 -22.94 12.81
CA VAL A 1725 23.93 -22.11 11.61
C VAL A 1725 24.64 -22.84 10.47
N THR A 1726 25.56 -23.75 10.79
CA THR A 1726 26.33 -24.40 9.73
C THR A 1726 25.51 -25.43 8.95
N PRO A 1727 24.59 -26.22 9.56
CA PRO A 1727 23.58 -26.90 8.73
C PRO A 1727 22.73 -25.88 8.00
N GLU A 1728 22.63 -26.03 6.68
CA GLU A 1728 21.85 -25.15 5.83
C GLU A 1728 20.39 -25.29 6.24
N THR A 1729 19.77 -26.47 6.05
CA THR A 1729 18.38 -26.76 6.45
C THR A 1729 17.41 -25.69 5.96
N LEU A 1730 17.67 -25.16 4.77
CA LEU A 1730 16.93 -24.00 4.27
C LEU A 1730 15.49 -24.39 3.98
N PRO A 1731 14.51 -23.63 4.49
CA PRO A 1731 13.11 -23.92 4.15
C PRO A 1731 12.78 -23.71 2.69
N MET A 1732 13.59 -22.93 1.97
CA MET A 1732 13.45 -22.91 0.50
C MET A 1732 14.41 -23.91 -0.15
N HIS A 1733 14.41 -25.10 0.43
CA HIS A 1733 14.80 -26.29 -0.33
C HIS A 1733 13.94 -26.52 -1.56
N PRO A 1734 12.56 -26.59 -1.48
CA PRO A 1734 11.79 -27.16 -2.60
C PRO A 1734 11.91 -26.45 -3.93
N VAL A 1735 11.56 -25.17 -4.00
CA VAL A 1735 11.45 -24.52 -5.31
C VAL A 1735 12.83 -24.18 -5.86
N ARG A 1736 13.77 -23.81 -4.99
CA ARG A 1736 15.14 -23.55 -5.44
C ARG A 1736 15.77 -24.82 -5.98
N GLU A 1737 15.77 -25.88 -5.17
CA GLU A 1737 16.39 -27.13 -5.57
C GLU A 1737 15.68 -27.76 -6.75
N LEU A 1738 14.38 -27.48 -6.93
CA LEU A 1738 13.64 -28.05 -8.05
C LEU A 1738 13.93 -27.30 -9.35
N GLN A 1739 13.88 -25.97 -9.31
CA GLN A 1739 14.14 -25.19 -10.52
C GLN A 1739 15.62 -25.22 -10.89
N GLU A 1740 16.48 -25.65 -9.95
CA GLU A 1740 17.89 -25.82 -10.28
C GLU A 1740 18.20 -27.25 -10.70
N ARG A 1741 17.45 -28.23 -10.17
CA ARG A 1741 17.77 -29.65 -10.49
C ARG A 1741 17.12 -30.03 -11.82
N CYS A 1742 16.26 -29.15 -12.35
CA CYS A 1742 15.61 -29.41 -13.66
C CYS A 1742 15.77 -28.14 -14.51
N GLN A 1743 17.01 -27.74 -14.81
CA GLN A 1743 17.23 -26.49 -15.58
C GLN A 1743 16.66 -26.66 -16.98
N GLN A 1744 16.94 -27.79 -17.63
CA GLN A 1744 16.48 -28.02 -19.03
C GLN A 1744 14.95 -28.16 -19.07
N GLN A 1745 14.36 -28.86 -18.09
CA GLN A 1745 12.90 -29.12 -18.15
C GLN A 1745 12.22 -28.78 -16.81
N ALA A 1746 12.05 -27.48 -16.52
CA ALA A 1746 11.29 -27.11 -15.29
C ALA A 1746 9.83 -26.85 -15.69
N GLU A 1747 8.92 -27.74 -15.29
CA GLU A 1747 7.51 -27.58 -15.65
C GLU A 1747 6.68 -27.50 -14.39
N GLY A 1748 5.45 -26.99 -14.51
CA GLY A 1748 4.66 -26.70 -13.33
C GLY A 1748 3.18 -27.03 -13.40
N LEU A 1749 2.65 -27.58 -12.31
CA LEU A 1749 1.22 -27.84 -12.19
C LEU A 1749 0.57 -26.79 -11.28
N GLU A 1750 -0.70 -26.51 -11.54
CA GLU A 1750 -1.40 -25.45 -10.82
C GLU A 1750 -1.92 -25.95 -9.47
N TYR A 1751 -1.87 -25.09 -8.46
CA TYR A 1751 -2.23 -25.46 -7.10
C TYR A 1751 -3.39 -24.65 -6.55
N LYS A 1752 -3.45 -23.37 -6.89
CA LYS A 1752 -4.28 -22.35 -6.20
C LYS A 1752 -5.77 -22.62 -6.47
N ALA A 1753 -6.12 -23.57 -7.32
CA ALA A 1753 -7.52 -23.99 -7.55
C ALA A 1753 -8.08 -24.47 -6.21
N SER A 1754 -7.41 -25.37 -5.49
CA SER A 1754 -7.92 -25.83 -4.21
C SER A 1754 -7.18 -25.14 -3.06
N ARG A 1755 -7.82 -25.11 -1.90
CA ARG A 1755 -7.16 -24.64 -0.68
C ARG A 1755 -6.29 -25.75 -0.11
N SER A 1756 -5.92 -25.60 1.16
CA SER A 1756 -4.98 -26.43 1.95
C SER A 1756 -5.19 -27.92 1.66
N GLY A 1757 -4.09 -28.64 1.45
CA GLY A 1757 -4.13 -29.96 0.86
C GLY A 1757 -2.99 -30.14 -0.12
N ASN A 1758 -2.98 -31.30 -0.78
CA ASN A 1758 -1.91 -31.65 -1.70
C ASN A 1758 -2.43 -31.88 -3.10
N THR A 1759 -1.69 -31.38 -4.09
CA THR A 1759 -1.91 -31.63 -5.51
C THR A 1759 -0.57 -31.44 -6.24
N ALA A 1760 0.19 -32.53 -6.36
CA ALA A 1760 1.58 -32.44 -6.76
C ALA A 1760 1.94 -33.53 -7.78
N THR A 1761 1.08 -33.71 -8.77
CA THR A 1761 1.42 -34.56 -9.92
C THR A 1761 2.03 -33.68 -11.03
N VAL A 1762 3.07 -32.95 -10.63
CA VAL A 1762 3.61 -31.88 -11.46
C VAL A 1762 4.42 -32.49 -12.60
N GLU A 1763 4.51 -31.79 -13.72
CA GLU A 1763 5.06 -32.32 -14.96
C GLU A 1763 6.57 -32.15 -15.07
N VAL A 1764 7.27 -32.15 -13.94
CA VAL A 1764 8.77 -32.09 -13.99
C VAL A 1764 9.27 -33.42 -14.58
N PHE A 1765 10.31 -33.39 -15.42
CA PHE A 1765 10.71 -34.65 -16.11
C PHE A 1765 12.04 -35.22 -15.59
N ILE A 1766 13.12 -34.43 -15.61
CA ILE A 1766 14.45 -35.00 -15.25
C ILE A 1766 14.48 -35.48 -13.79
N ASP A 1767 13.97 -34.68 -12.85
CA ASP A 1767 13.90 -35.11 -11.43
C ASP A 1767 12.89 -36.26 -11.29
N GLY A 1768 11.79 -36.21 -12.03
CA GLY A 1768 10.73 -37.23 -11.90
C GLY A 1768 9.45 -36.63 -11.34
N VAL A 1769 8.45 -37.45 -11.06
CA VAL A 1769 7.13 -36.91 -10.61
C VAL A 1769 6.72 -37.59 -9.30
N GLN A 1770 6.85 -36.89 -8.16
CA GLN A 1770 6.33 -37.48 -6.93
C GLN A 1770 5.35 -36.52 -6.29
N VAL A 1771 4.50 -37.08 -5.43
CA VAL A 1771 3.53 -36.33 -4.64
C VAL A 1771 3.88 -36.51 -3.17
N GLY A 1772 3.88 -35.41 -2.42
CA GLY A 1772 4.21 -35.44 -1.01
C GLY A 1772 3.04 -34.96 -0.17
N VAL A 1773 2.91 -35.55 1.02
CA VAL A 1773 1.73 -35.37 1.85
C VAL A 1773 2.09 -34.55 3.08
N ALA A 1774 1.28 -33.51 3.33
CA ALA A 1774 1.33 -32.72 4.55
C ALA A 1774 -0.02 -32.03 4.71
N GLN A 1775 -0.17 -31.30 5.82
CA GLN A 1775 -1.42 -30.57 6.04
C GLN A 1775 -1.53 -29.40 5.09
N ASN A 1776 -0.57 -28.47 5.13
CA ASN A 1776 -0.47 -27.39 4.15
C ASN A 1776 0.93 -27.40 3.55
N PRO A 1777 1.19 -28.29 2.60
CA PRO A 1777 2.41 -28.15 1.78
C PRO A 1777 2.20 -27.35 0.50
N GLN A 1778 0.96 -26.97 0.19
CA GLN A 1778 0.61 -26.42 -1.11
C GLN A 1778 1.26 -25.05 -1.33
N LYS A 1779 1.60 -24.34 -0.25
CA LYS A 1779 2.40 -23.14 -0.39
C LYS A 1779 3.87 -23.50 -0.61
N LYS A 1780 4.49 -24.15 0.38
CA LYS A 1780 5.86 -24.62 0.28
C LYS A 1780 5.94 -25.97 0.98
N MET A 1781 7.03 -26.70 0.67
CA MET A 1781 7.39 -28.04 1.16
C MET A 1781 6.62 -29.16 0.47
N ALA A 1782 5.72 -28.84 -0.45
CA ALA A 1782 5.16 -29.89 -1.30
C ALA A 1782 6.19 -30.42 -2.26
N GLN A 1783 6.93 -29.52 -2.90
CA GLN A 1783 8.01 -29.95 -3.78
C GLN A 1783 9.17 -30.52 -2.97
N LYS A 1784 9.28 -30.14 -1.70
CA LYS A 1784 10.28 -30.73 -0.83
C LYS A 1784 9.93 -32.17 -0.49
N LEU A 1785 8.66 -32.43 -0.15
CA LEU A 1785 8.22 -33.80 0.07
C LEU A 1785 8.24 -34.61 -1.21
N ALA A 1786 8.00 -33.95 -2.36
CA ALA A 1786 8.13 -34.62 -3.64
C ALA A 1786 9.57 -35.01 -3.92
N ALA A 1787 10.51 -34.14 -3.57
CA ALA A 1787 11.93 -34.48 -3.68
C ALA A 1787 12.30 -35.60 -2.73
N ARG A 1788 11.69 -35.61 -1.54
CA ARG A 1788 11.91 -36.70 -0.58
C ARG A 1788 11.46 -38.04 -1.17
N ASN A 1789 10.26 -38.07 -1.76
CA ASN A 1789 9.75 -39.30 -2.35
C ASN A 1789 10.51 -39.66 -3.63
N ALA A 1790 11.07 -38.66 -4.31
CA ALA A 1790 11.86 -38.93 -5.51
C ALA A 1790 13.20 -39.54 -5.14
N LEU A 1791 13.88 -38.99 -4.15
CA LEU A 1791 15.15 -39.54 -3.71
C LEU A 1791 14.95 -40.88 -2.99
N ALA A 1792 13.75 -41.10 -2.45
CA ALA A 1792 13.39 -42.44 -2.01
C ALA A 1792 13.16 -43.36 -3.20
N ALA A 1793 12.69 -42.80 -4.31
CA ALA A 1793 12.46 -43.61 -5.51
C ALA A 1793 13.76 -43.84 -6.27
N LEU A 1794 14.56 -42.80 -6.47
CA LEU A 1794 15.80 -42.94 -7.22
C LEU A 1794 16.93 -43.42 -6.30
#